data_7L6L
#
_entry.id   7L6L
#
_cell.length_a   70.751
_cell.length_b   64.734
_cell.length_c   140.710
_cell.angle_alpha   90.000
_cell.angle_beta   97.940
_cell.angle_gamma   90.000
#
_symmetry.space_group_name_H-M   'P 1 21 1'
#
loop_
_entity.id
_entity.type
_entity.pdbx_description
1 polymer 'Deoxyribose operon repressor'
2 non-polymer 1,2-ETHANEDIOL
3 non-polymer 'SULFATE ION'
4 non-polymer 'CHLORIDE ION'
5 water water
#
_entity_poly.entity_id   1
_entity_poly.type   'polypeptide(L)'
_entity_poly.pdbx_seq_one_letter_code
;SNADQKSRLVEEKRRAAKLAATLVEPDQTLFFDCGTTTPWIIEAIDNEIPFTAVCYSLNTFLALKEKPHCRAFLCGGEFH
ASNAIFKPIDFQQTLNNFCPDIAFYSAAGVHVSKGATCFNLEELPVKHWA(MSE)S(MSE)AQKHVLVVDHSKFGKVRPA
R(MSE)GDLKRFDIVVSDCCPEDEYVKYAQTQRIKL(MSE)Y
;
_entity_poly.pdbx_strand_id   A,B,C,D,E,F
#
loop_
_chem_comp.id
_chem_comp.type
_chem_comp.name
_chem_comp.formula
CL non-polymer 'CHLORIDE ION' 'Cl -1'
EDO non-polymer 1,2-ETHANEDIOL 'C2 H6 O2'
SO4 non-polymer 'SULFATE ION' 'O4 S -2'
#
# COMPACT_ATOMS: atom_id res chain seq x y z
N ARG A 8 5.12 22.97 -27.43
CA ARG A 8 4.55 21.62 -27.15
C ARG A 8 5.36 20.53 -27.89
N LEU A 9 5.83 20.80 -29.11
CA LEU A 9 6.64 19.81 -29.88
C LEU A 9 5.93 18.44 -29.91
N VAL A 10 4.62 18.45 -30.18
CA VAL A 10 3.80 17.21 -30.18
C VAL A 10 4.33 16.19 -31.20
N GLU A 11 4.65 16.67 -32.41
N GLU A 11 4.63 16.64 -32.43
CA GLU A 11 5.12 15.81 -33.53
CA GLU A 11 5.09 15.69 -33.48
C GLU A 11 6.42 15.10 -33.14
C GLU A 11 6.42 15.04 -33.07
N GLU A 12 7.33 15.82 -32.48
CA GLU A 12 8.64 15.28 -32.02
C GLU A 12 8.41 14.25 -30.91
N LYS A 13 7.52 14.56 -29.96
CA LYS A 13 7.23 13.64 -28.82
C LYS A 13 6.64 12.34 -29.38
N ARG A 14 5.72 12.48 -30.33
CA ARG A 14 5.00 11.32 -30.94
C ARG A 14 6.00 10.42 -31.69
N ARG A 15 6.96 11.01 -32.43
CA ARG A 15 7.95 10.20 -33.19
C ARG A 15 8.87 9.46 -32.21
N ALA A 16 9.36 10.15 -31.18
CA ALA A 16 10.25 9.50 -30.19
C ALA A 16 9.48 8.37 -29.49
N ALA A 17 8.22 8.65 -29.12
CA ALA A 17 7.38 7.65 -28.40
C ALA A 17 7.12 6.43 -29.29
N LYS A 18 6.88 6.65 -30.58
CA LYS A 18 6.61 5.54 -31.53
C LYS A 18 7.85 4.64 -31.59
N LEU A 19 9.04 5.23 -31.61
CA LEU A 19 10.31 4.44 -31.65
C LEU A 19 10.47 3.69 -30.32
N ALA A 20 10.15 4.33 -29.20
CA ALA A 20 10.24 3.67 -27.87
C ALA A 20 9.30 2.46 -27.81
N ALA A 21 8.10 2.57 -28.40
CA ALA A 21 7.09 1.48 -28.38
C ALA A 21 7.62 0.23 -29.10
N THR A 22 8.57 0.37 -30.04
CA THR A 22 9.11 -0.81 -30.75
C THR A 22 9.81 -1.76 -29.77
N LEU A 23 10.10 -1.31 -28.55
CA LEU A 23 10.83 -2.18 -27.56
C LEU A 23 9.84 -3.10 -26.83
N VAL A 24 8.54 -2.84 -26.94
CA VAL A 24 7.53 -3.62 -26.17
C VAL A 24 7.34 -5.01 -26.77
N GLU A 25 7.38 -6.04 -25.91
CA GLU A 25 7.15 -7.45 -26.30
C GLU A 25 5.91 -7.95 -25.58
N PRO A 26 5.13 -8.88 -26.18
CA PRO A 26 3.93 -9.39 -25.53
C PRO A 26 4.16 -9.95 -24.11
N ASP A 27 3.22 -9.67 -23.20
CA ASP A 27 3.19 -10.20 -21.81
C ASP A 27 4.21 -9.52 -20.91
N GLN A 28 4.87 -8.44 -21.36
CA GLN A 28 5.80 -7.72 -20.47
C GLN A 28 5.01 -6.90 -19.45
N THR A 29 5.65 -6.58 -18.34
CA THR A 29 5.11 -5.65 -17.32
C THR A 29 5.86 -4.34 -17.57
N LEU A 30 5.12 -3.27 -17.85
CA LEU A 30 5.74 -1.97 -18.20
C LEU A 30 5.38 -0.89 -17.18
N PHE A 31 6.32 0.00 -16.91
CA PHE A 31 6.07 1.23 -16.11
C PHE A 31 6.05 2.42 -17.07
N PHE A 32 5.05 3.28 -16.93
CA PHE A 32 4.94 4.52 -17.74
C PHE A 32 4.96 5.72 -16.81
N ASP A 33 5.91 6.61 -17.06
CA ASP A 33 6.09 7.84 -16.24
C ASP A 33 4.97 8.82 -16.60
N CYS A 34 4.95 9.96 -15.93
CA CYS A 34 3.93 11.00 -16.14
C CYS A 34 4.32 11.89 -17.33
N GLY A 35 3.48 12.87 -17.66
CA GLY A 35 3.81 13.82 -18.75
C GLY A 35 3.01 13.59 -20.03
N THR A 36 3.39 14.32 -21.09
CA THR A 36 2.67 14.30 -22.39
C THR A 36 3.46 13.54 -23.46
N THR A 37 4.56 12.86 -23.10
CA THR A 37 5.36 12.05 -24.07
C THR A 37 4.96 10.57 -23.93
N THR A 38 4.96 10.04 -22.70
CA THR A 38 4.67 8.60 -22.45
C THR A 38 3.30 8.16 -22.99
N PRO A 39 2.21 8.95 -22.91
CA PRO A 39 0.93 8.51 -23.46
C PRO A 39 1.03 8.15 -24.95
N TRP A 40 1.95 8.79 -25.69
CA TRP A 40 2.16 8.46 -27.13
C TRP A 40 2.80 7.07 -27.26
N ILE A 41 3.59 6.64 -26.28
CA ILE A 41 4.18 5.27 -26.30
C ILE A 41 3.01 4.27 -26.21
N ILE A 42 2.13 4.49 -25.24
CA ILE A 42 0.93 3.63 -25.00
C ILE A 42 0.08 3.55 -26.28
N GLU A 43 -0.15 4.70 -26.93
CA GLU A 43 -0.96 4.74 -28.18
C GLU A 43 -0.32 3.91 -29.28
N ALA A 44 1.02 3.96 -29.38
CA ALA A 44 1.78 3.30 -30.47
C ALA A 44 1.85 1.78 -30.30
N ILE A 45 1.65 1.26 -29.08
CA ILE A 45 1.70 -0.22 -28.89
C ILE A 45 0.51 -0.84 -29.64
N ASP A 46 0.77 -1.83 -30.50
CA ASP A 46 -0.33 -2.49 -31.28
C ASP A 46 -1.43 -2.92 -30.30
N ASN A 47 -2.70 -2.71 -30.67
CA ASN A 47 -3.83 -3.03 -29.75
C ASN A 47 -3.99 -4.55 -29.54
N GLU A 48 -3.33 -5.40 -30.35
CA GLU A 48 -3.44 -6.88 -30.17
C GLU A 48 -2.37 -7.40 -29.20
N ILE A 49 -1.40 -6.57 -28.82
CA ILE A 49 -0.30 -7.01 -27.91
C ILE A 49 -0.78 -6.95 -26.46
N PRO A 50 -0.84 -8.10 -25.74
CA PRO A 50 -1.24 -8.09 -24.34
C PRO A 50 -0.05 -7.62 -23.49
N PHE A 51 -0.33 -6.83 -22.46
CA PHE A 51 0.76 -6.41 -21.54
C PHE A 51 0.14 -5.96 -20.21
N THR A 52 0.97 -5.89 -19.19
CA THR A 52 0.57 -5.42 -17.84
C THR A 52 1.25 -4.06 -17.66
N ALA A 53 0.54 -3.08 -17.11
CA ALA A 53 1.18 -1.76 -16.99
C ALA A 53 0.91 -1.14 -15.63
N VAL A 54 1.89 -0.40 -15.12
N VAL A 54 1.88 -0.40 -15.13
CA VAL A 54 1.76 0.34 -13.85
CA VAL A 54 1.76 0.34 -13.83
C VAL A 54 2.03 1.82 -14.15
C VAL A 54 2.04 1.82 -14.14
N CYS A 55 1.27 2.72 -13.53
CA CYS A 55 1.46 4.16 -13.77
C CYS A 55 1.05 4.91 -12.50
N TYR A 56 1.22 6.24 -12.48
CA TYR A 56 0.89 7.02 -11.27
C TYR A 56 0.31 8.37 -11.68
N SER A 57 -0.22 8.47 -12.90
CA SER A 57 -0.83 9.75 -13.34
C SER A 57 -2.13 9.48 -14.12
N LEU A 58 -3.07 10.43 -14.01
CA LEU A 58 -4.42 10.31 -14.61
C LEU A 58 -4.37 10.18 -16.14
N ASN A 59 -3.67 11.06 -16.86
CA ASN A 59 -3.72 10.95 -18.35
C ASN A 59 -3.05 9.64 -18.78
N THR A 60 -2.01 9.22 -18.07
CA THR A 60 -1.32 7.95 -18.43
C THR A 60 -2.30 6.79 -18.22
N PHE A 61 -2.99 6.79 -17.08
CA PHE A 61 -3.96 5.71 -16.81
C PHE A 61 -5.06 5.69 -17.87
N LEU A 62 -5.60 6.87 -18.20
CA LEU A 62 -6.72 6.95 -19.17
C LEU A 62 -6.28 6.40 -20.53
N ALA A 63 -4.99 6.53 -20.86
CA ALA A 63 -4.49 5.98 -22.14
C ALA A 63 -4.45 4.45 -22.03
N LEU A 64 -3.99 3.93 -20.89
CA LEU A 64 -3.94 2.45 -20.68
C LEU A 64 -5.36 1.87 -20.74
N LYS A 65 -6.34 2.59 -20.18
CA LYS A 65 -7.74 2.13 -20.12
C LYS A 65 -8.30 1.88 -21.54
N GLU A 66 -7.79 2.60 -22.55
CA GLU A 66 -8.27 2.45 -23.95
C GLU A 66 -7.57 1.29 -24.68
N LYS A 67 -6.61 0.62 -24.04
CA LYS A 67 -5.93 -0.55 -24.70
C LYS A 67 -6.71 -1.80 -24.28
N PRO A 68 -7.41 -2.48 -25.22
CA PRO A 68 -8.24 -3.63 -24.85
C PRO A 68 -7.51 -4.82 -24.19
N HIS A 69 -6.19 -4.97 -24.40
CA HIS A 69 -5.46 -6.13 -23.83
C HIS A 69 -4.42 -5.67 -22.80
N CYS A 70 -4.65 -4.52 -22.18
CA CYS A 70 -3.71 -4.04 -21.14
C CYS A 70 -4.31 -4.31 -19.75
N ARG A 71 -3.57 -5.04 -18.92
CA ARG A 71 -3.96 -5.22 -17.50
C ARG A 71 -3.36 -3.98 -16.80
N ALA A 72 -4.21 -3.03 -16.39
CA ALA A 72 -3.73 -1.73 -15.88
C ALA A 72 -3.77 -1.63 -14.35
N PHE A 73 -2.70 -1.06 -13.79
CA PHE A 73 -2.56 -0.78 -12.35
C PHE A 73 -2.23 0.70 -12.15
N LEU A 74 -2.84 1.32 -11.14
CA LEU A 74 -2.55 2.75 -10.84
C LEU A 74 -1.99 2.83 -9.42
N CYS A 75 -0.83 3.49 -9.29
CA CYS A 75 -0.22 3.80 -7.97
C CYS A 75 -1.04 4.95 -7.40
N GLY A 76 -1.71 4.73 -6.27
CA GLY A 76 -2.57 5.76 -5.67
C GLY A 76 -1.80 6.72 -4.79
N GLY A 77 -2.54 7.57 -4.06
CA GLY A 77 -1.92 8.56 -3.16
C GLY A 77 -2.64 9.88 -3.29
N GLU A 78 -1.98 10.96 -2.88
CA GLU A 78 -2.59 12.31 -2.95
C GLU A 78 -2.49 12.82 -4.39
N PHE A 79 -3.58 13.37 -4.93
CA PHE A 79 -3.57 13.90 -6.31
C PHE A 79 -2.91 15.28 -6.33
N HIS A 80 -2.01 15.49 -7.28
CA HIS A 80 -1.32 16.79 -7.52
C HIS A 80 -1.68 17.23 -8.94
N ALA A 81 -2.26 18.41 -9.08
CA ALA A 81 -2.72 18.91 -10.40
C ALA A 81 -1.59 18.88 -11.44
N SER A 82 -0.37 19.29 -11.06
CA SER A 82 0.74 19.35 -12.04
C SER A 82 1.09 17.94 -12.54
N ASN A 83 0.90 17.69 -13.84
CA ASN A 83 1.11 16.37 -14.47
C ASN A 83 0.05 15.36 -13.97
N ALA A 84 -0.95 15.83 -13.22
CA ALA A 84 -2.08 14.98 -12.76
C ALA A 84 -1.54 13.69 -12.13
N ILE A 85 -0.60 13.81 -11.18
CA ILE A 85 0.01 12.60 -10.56
C ILE A 85 -0.64 12.28 -9.21
N PHE A 86 -0.36 11.07 -8.75
CA PHE A 86 -0.73 10.56 -7.42
C PHE A 86 0.57 10.33 -6.68
N LYS A 87 0.73 10.97 -5.52
CA LYS A 87 1.97 10.80 -4.71
CA LYS A 87 1.97 10.81 -4.71
C LYS A 87 1.66 9.96 -3.48
N PRO A 88 2.27 8.76 -3.33
CA PRO A 88 2.02 7.93 -2.17
C PRO A 88 2.39 8.69 -0.89
N ILE A 89 1.65 8.44 0.18
CA ILE A 89 1.93 9.11 1.49
C ILE A 89 3.35 8.74 1.94
N ASP A 90 3.70 7.46 1.91
CA ASP A 90 5.07 7.01 2.31
C ASP A 90 5.35 5.66 1.63
N PHE A 91 4.93 4.54 2.23
CA PHE A 91 5.19 3.22 1.61
C PHE A 91 4.55 3.15 0.22
N GLN A 92 5.25 2.54 -0.74
CA GLN A 92 4.77 2.37 -2.13
C GLN A 92 4.36 0.91 -2.29
N GLN A 93 3.29 0.54 -1.58
CA GLN A 93 2.77 -0.85 -1.54
C GLN A 93 2.50 -1.40 -2.95
N THR A 94 1.63 -0.73 -3.71
CA THR A 94 1.25 -1.19 -5.07
C THR A 94 2.52 -1.40 -5.90
N LEU A 95 3.42 -0.41 -5.92
CA LEU A 95 4.64 -0.49 -6.77
C LEU A 95 5.59 -1.59 -6.27
N ASN A 96 5.65 -1.83 -4.95
CA ASN A 96 6.59 -2.85 -4.39
C ASN A 96 6.23 -4.26 -4.85
N ASN A 97 5.10 -4.42 -5.54
CA ASN A 97 4.69 -5.77 -6.03
C ASN A 97 5.27 -6.01 -7.43
N PHE A 98 5.96 -5.01 -8.00
CA PHE A 98 6.45 -5.15 -9.39
C PHE A 98 7.95 -4.91 -9.58
N CYS A 99 8.48 -5.60 -10.59
CA CYS A 99 9.85 -5.45 -11.15
C CYS A 99 9.65 -5.36 -12.65
N PRO A 100 9.12 -4.22 -13.15
CA PRO A 100 8.82 -4.08 -14.57
C PRO A 100 9.97 -4.49 -15.52
N ASP A 101 9.60 -5.15 -16.60
CA ASP A 101 10.57 -5.53 -17.66
C ASP A 101 11.17 -4.24 -18.24
N ILE A 102 10.32 -3.23 -18.42
CA ILE A 102 10.77 -1.91 -18.99
C ILE A 102 10.08 -0.77 -18.25
N ALA A 103 10.88 0.24 -17.90
CA ALA A 103 10.34 1.49 -17.34
C ALA A 103 10.57 2.58 -18.40
N PHE A 104 9.51 3.27 -18.82
CA PHE A 104 9.63 4.41 -19.77
C PHE A 104 9.56 5.69 -18.93
N TYR A 105 10.62 6.49 -18.98
CA TYR A 105 10.71 7.72 -18.15
C TYR A 105 10.53 8.98 -19.00
N SER A 106 10.09 10.02 -18.30
CA SER A 106 9.98 11.40 -18.84
C SER A 106 10.98 12.28 -18.09
N ALA A 107 11.41 13.38 -18.71
CA ALA A 107 12.32 14.33 -18.04
C ALA A 107 12.20 15.69 -18.72
N ALA A 108 12.31 16.75 -17.92
CA ALA A 108 12.28 18.13 -18.45
C ALA A 108 13.69 18.54 -18.89
N GLY A 109 14.70 17.83 -18.38
CA GLY A 109 16.09 18.17 -18.73
C GLY A 109 16.99 16.95 -18.72
N VAL A 110 17.97 16.96 -19.64
CA VAL A 110 19.00 15.90 -19.82
C VAL A 110 20.32 16.64 -19.91
N HIS A 111 21.19 16.45 -18.92
CA HIS A 111 22.48 17.17 -18.80
C HIS A 111 23.56 16.17 -18.41
N VAL A 112 24.74 16.24 -19.05
CA VAL A 112 25.80 15.23 -18.76
C VAL A 112 26.26 15.29 -17.29
N SER A 113 26.44 16.48 -16.74
N SER A 113 26.44 16.48 -16.71
CA SER A 113 26.94 16.64 -15.34
CA SER A 113 26.94 16.57 -15.31
C SER A 113 25.79 16.61 -14.32
C SER A 113 25.80 16.61 -14.29
N LYS A 114 24.72 17.36 -14.56
CA LYS A 114 23.56 17.45 -13.61
C LYS A 114 22.68 16.20 -13.65
N GLY A 115 22.60 15.52 -14.79
CA GLY A 115 21.75 14.32 -14.94
C GLY A 115 20.39 14.65 -15.50
N ALA A 116 19.42 13.78 -15.23
CA ALA A 116 18.02 13.95 -15.69
C ALA A 116 17.25 14.71 -14.61
N THR A 117 16.52 15.74 -15.01
CA THR A 117 15.78 16.59 -14.06
C THR A 117 14.31 16.75 -14.50
N CYS A 118 13.46 17.12 -13.56
CA CYS A 118 12.03 17.37 -13.84
C CYS A 118 11.63 18.64 -13.09
N PHE A 119 10.43 19.15 -13.29
CA PHE A 119 10.02 20.41 -12.63
C PHE A 119 9.59 20.19 -11.18
N ASN A 120 8.95 19.05 -10.90
CA ASN A 120 8.28 18.84 -9.58
C ASN A 120 8.95 17.79 -8.69
N LEU A 121 9.17 18.14 -7.42
CA LEU A 121 9.74 17.18 -6.43
C LEU A 121 8.73 16.05 -6.15
N GLU A 122 7.42 16.31 -6.29
CA GLU A 122 6.37 15.31 -5.97
C GLU A 122 6.49 14.06 -6.86
N GLU A 123 7.15 14.17 -8.01
CA GLU A 123 7.28 13.01 -8.94
C GLU A 123 8.51 12.16 -8.61
N LEU A 124 9.40 12.64 -7.74
CA LEU A 124 10.69 11.91 -7.53
C LEU A 124 10.51 10.56 -6.85
N PRO A 125 9.65 10.39 -5.83
CA PRO A 125 9.52 9.09 -5.17
C PRO A 125 9.19 7.94 -6.13
N VAL A 126 8.23 8.15 -7.04
CA VAL A 126 7.87 7.07 -8.00
C VAL A 126 8.98 6.92 -9.06
N LYS A 127 9.51 8.02 -9.57
CA LYS A 127 10.62 7.90 -10.56
C LYS A 127 11.79 7.14 -9.92
N HIS A 128 12.13 7.46 -8.66
CA HIS A 128 13.24 6.76 -7.97
C HIS A 128 12.91 5.28 -7.77
N TRP A 129 11.65 4.98 -7.45
CA TRP A 129 11.24 3.56 -7.29
C TRP A 129 11.52 2.80 -8.59
N ALA A 130 11.07 3.35 -9.71
CA ALA A 130 11.23 2.69 -11.03
C ALA A 130 12.70 2.48 -11.36
N MSE A 131 13.52 3.48 -11.04
CA MSE A 131 14.92 3.40 -11.38
C MSE A 131 15.60 2.26 -10.61
O MSE A 131 16.57 1.68 -11.09
CB MSE A 131 15.59 4.76 -11.15
CG MSE A 131 15.10 5.81 -12.14
SE MSE A 131 15.55 7.65 -11.61
CE MSE A 131 17.47 7.59 -11.91
N SER A 132 15.04 1.90 -9.45
CA SER A 132 15.65 0.86 -8.65
C SER A 132 15.03 -0.52 -8.91
N MSE A 133 13.76 -0.57 -9.35
CA MSE A 133 13.05 -1.85 -9.44
C MSE A 133 12.78 -2.34 -10.85
O MSE A 133 12.53 -3.53 -11.04
CB MSE A 133 11.74 -1.75 -8.63
CG MSE A 133 11.94 -1.73 -7.15
SE MSE A 133 12.69 -3.46 -6.51
CE MSE A 133 13.97 -2.89 -5.16
N ALA A 134 12.81 -1.45 -11.86
CA ALA A 134 12.61 -1.90 -13.23
C ALA A 134 13.90 -2.58 -13.74
N GLN A 135 13.78 -3.42 -14.76
CA GLN A 135 14.91 -4.24 -15.28
C GLN A 135 15.61 -3.55 -16.45
N LYS A 136 14.89 -2.67 -17.16
CA LYS A 136 15.47 -1.92 -18.31
C LYS A 136 14.90 -0.51 -18.22
N HIS A 137 15.78 0.49 -18.27
CA HIS A 137 15.42 1.92 -18.08
C HIS A 137 15.51 2.68 -19.39
N VAL A 138 14.38 3.20 -19.85
CA VAL A 138 14.31 3.87 -21.18
C VAL A 138 13.81 5.31 -21.00
N LEU A 139 14.69 6.28 -21.24
CA LEU A 139 14.33 7.73 -21.13
C LEU A 139 13.84 8.19 -22.51
N VAL A 140 12.61 8.70 -22.59
CA VAL A 140 11.99 9.12 -23.87
C VAL A 140 11.83 10.64 -23.83
N VAL A 141 12.69 11.34 -24.57
CA VAL A 141 12.73 12.83 -24.50
C VAL A 141 12.90 13.44 -25.89
N ASP A 142 12.09 14.46 -26.19
CA ASP A 142 12.26 15.19 -27.47
C ASP A 142 13.60 15.96 -27.40
N HIS A 143 14.11 16.39 -28.55
CA HIS A 143 15.44 17.04 -28.65
C HIS A 143 15.57 18.28 -27.75
N SER A 144 14.46 18.96 -27.41
CA SER A 144 14.55 20.23 -26.64
C SER A 144 15.03 20.01 -25.20
N LYS A 145 14.91 18.77 -24.68
CA LYS A 145 15.28 18.47 -23.27
C LYS A 145 16.81 18.46 -23.08
N PHE A 146 17.56 18.20 -24.14
CA PHE A 146 19.05 18.10 -24.07
C PHE A 146 19.69 19.47 -23.77
N GLY A 147 20.45 19.51 -22.68
CA GLY A 147 21.14 20.74 -22.26
C GLY A 147 20.34 21.54 -21.26
N LYS A 148 19.09 21.14 -20.99
CA LYS A 148 18.25 21.87 -20.02
C LYS A 148 18.47 21.30 -18.62
N VAL A 149 18.33 22.15 -17.61
CA VAL A 149 18.43 21.70 -16.19
C VAL A 149 17.23 22.29 -15.45
N ARG A 150 16.41 21.43 -14.85
CA ARG A 150 15.24 21.85 -14.02
C ARG A 150 15.57 21.56 -12.56
N PRO A 151 14.83 22.13 -11.59
CA PRO A 151 15.19 22.02 -10.17
C PRO A 151 15.02 20.70 -9.41
N ALA A 152 14.17 19.78 -9.88
CA ALA A 152 13.99 18.46 -9.20
C ALA A 152 14.86 17.44 -9.93
N ARG A 153 15.77 16.80 -9.21
CA ARG A 153 16.76 15.89 -9.87
C ARG A 153 16.35 14.42 -9.73
N MSE A 154 16.27 13.74 -10.87
CA MSE A 154 15.88 12.34 -10.92
C MSE A 154 17.11 11.46 -10.66
O MSE A 154 17.03 10.49 -9.90
CB MSE A 154 15.25 12.03 -12.27
CG MSE A 154 13.97 12.81 -12.54
SE MSE A 154 13.39 12.68 -14.40
CE MSE A 154 13.40 10.74 -14.68
N GLY A 155 18.23 11.80 -11.30
CA GLY A 155 19.45 11.02 -11.12
C GLY A 155 20.43 11.19 -12.26
N ASP A 156 21.57 10.51 -12.17
CA ASP A 156 22.64 10.57 -13.19
C ASP A 156 22.16 9.90 -14.49
N LEU A 157 22.63 10.36 -15.64
CA LEU A 157 22.20 9.73 -16.92
C LEU A 157 22.66 8.26 -16.98
N LYS A 158 23.67 7.87 -16.19
CA LYS A 158 24.17 6.46 -16.25
C LYS A 158 23.10 5.50 -15.73
N ARG A 159 22.07 6.03 -15.07
CA ARG A 159 20.93 5.22 -14.52
C ARG A 159 20.07 4.66 -15.66
N PHE A 160 20.20 5.22 -16.86
CA PHE A 160 19.35 4.83 -18.02
C PHE A 160 20.14 3.90 -18.95
N ASP A 161 19.43 2.95 -19.55
CA ASP A 161 20.02 1.95 -20.48
C ASP A 161 19.86 2.45 -21.92
N ILE A 162 18.76 3.14 -22.17
CA ILE A 162 18.43 3.63 -23.54
C ILE A 162 17.84 5.03 -23.43
N VAL A 163 18.26 5.91 -24.35
CA VAL A 163 17.65 7.27 -24.45
C VAL A 163 17.06 7.34 -25.86
N VAL A 164 15.77 7.64 -25.95
CA VAL A 164 15.05 7.67 -27.25
C VAL A 164 14.66 9.13 -27.54
N SER A 165 14.91 9.61 -28.76
CA SER A 165 14.57 11.01 -29.10
C SER A 165 14.06 11.07 -30.55
N ASP A 166 13.68 12.27 -31.01
CA ASP A 166 13.13 12.48 -32.37
C ASP A 166 14.25 12.71 -33.38
N CYS A 167 15.47 12.96 -32.91
CA CYS A 167 16.62 13.18 -33.84
C CYS A 167 17.92 12.97 -33.06
N CYS A 168 19.05 12.97 -33.76
CA CYS A 168 20.37 12.72 -33.11
C CYS A 168 20.71 13.83 -32.12
N PRO A 169 21.03 13.49 -30.85
CA PRO A 169 21.46 14.49 -29.87
C PRO A 169 22.79 15.13 -30.30
N GLU A 170 23.17 16.23 -29.65
CA GLU A 170 24.44 16.94 -29.97
C GLU A 170 25.60 15.95 -29.75
N ASP A 171 26.76 16.19 -30.36
CA ASP A 171 27.92 15.26 -30.27
C ASP A 171 28.32 15.01 -28.81
N GLU A 172 28.12 15.99 -27.92
CA GLU A 172 28.47 15.82 -26.49
C GLU A 172 27.76 14.61 -25.89
N TYR A 173 26.46 14.45 -26.18
CA TYR A 173 25.66 13.34 -25.62
C TYR A 173 26.01 12.03 -26.34
N VAL A 174 26.28 12.12 -27.65
CA VAL A 174 26.65 10.90 -28.45
C VAL A 174 27.91 10.30 -27.82
N LYS A 175 28.94 11.13 -27.61
CA LYS A 175 30.22 10.66 -27.01
C LYS A 175 29.99 10.22 -25.56
N TYR A 176 29.18 10.95 -24.79
CA TYR A 176 28.90 10.55 -23.39
C TYR A 176 28.22 9.18 -23.37
N ALA A 177 27.20 8.99 -24.23
CA ALA A 177 26.45 7.72 -24.31
C ALA A 177 27.38 6.56 -24.70
N GLN A 178 28.35 6.79 -25.60
CA GLN A 178 29.31 5.72 -25.98
C GLN A 178 30.09 5.26 -24.74
N THR A 179 30.63 6.22 -23.98
CA THR A 179 31.47 5.93 -22.79
C THR A 179 30.69 5.13 -21.74
N GLN A 180 29.41 5.47 -21.50
CA GLN A 180 28.59 4.79 -20.46
C GLN A 180 27.83 3.59 -21.03
N ARG A 181 28.01 3.26 -22.31
CA ARG A 181 27.28 2.11 -22.93
C ARG A 181 25.77 2.39 -22.91
N ILE A 182 25.38 3.65 -23.07
CA ILE A 182 23.93 4.02 -23.14
C ILE A 182 23.52 3.95 -24.61
N LYS A 183 22.47 3.19 -24.92
CA LYS A 183 22.04 3.10 -26.34
C LYS A 183 21.23 4.34 -26.72
N LEU A 184 21.53 4.94 -27.88
CA LEU A 184 20.76 6.12 -28.35
C LEU A 184 19.89 5.68 -29.53
N MSE A 185 18.58 5.92 -29.43
CA MSE A 185 17.65 5.58 -30.48
C MSE A 185 17.00 6.88 -30.96
O MSE A 185 16.49 7.65 -30.15
CB MSE A 185 16.57 4.61 -30.00
CG MSE A 185 17.08 3.23 -29.60
SE MSE A 185 15.59 2.13 -28.90
CE MSE A 185 14.55 1.50 -30.45
N TYR A 186 17.06 7.12 -32.27
CA TYR A 186 16.49 8.31 -32.87
C TYR A 186 16.29 8.07 -34.36
N ASP B 4 -26.02 -53.26 -10.13
CA ASP B 4 -26.46 -53.68 -8.77
C ASP B 4 -27.11 -52.49 -8.06
N GLN B 5 -27.30 -52.57 -6.74
CA GLN B 5 -27.94 -51.47 -5.97
C GLN B 5 -27.08 -50.20 -6.06
N LYS B 6 -25.76 -50.35 -6.13
CA LYS B 6 -24.82 -49.20 -6.23
C LYS B 6 -25.03 -48.42 -7.54
N SER B 7 -25.08 -49.13 -8.67
N SER B 7 -25.08 -49.13 -8.67
CA SER B 7 -25.25 -48.50 -10.00
CA SER B 7 -25.25 -48.49 -10.00
C SER B 7 -26.63 -47.82 -10.11
C SER B 7 -26.63 -47.83 -10.12
N ARG B 8 -27.69 -48.48 -9.60
CA ARG B 8 -29.07 -47.92 -9.65
CA ARG B 8 -29.07 -47.91 -9.66
C ARG B 8 -29.13 -46.64 -8.81
N LEU B 9 -28.40 -46.62 -7.70
CA LEU B 9 -28.37 -45.41 -6.82
C LEU B 9 -27.74 -44.25 -7.58
N VAL B 10 -26.63 -44.50 -8.27
CA VAL B 10 -25.93 -43.44 -9.05
C VAL B 10 -26.86 -42.89 -10.15
N GLU B 11 -27.61 -43.75 -10.85
N GLU B 11 -27.58 -43.79 -10.85
CA GLU B 11 -28.45 -43.24 -11.98
CA GLU B 11 -28.50 -43.40 -11.94
C GLU B 11 -29.64 -42.44 -11.42
C GLU B 11 -29.58 -42.45 -11.40
N GLU B 12 -30.14 -42.81 -10.24
CA GLU B 12 -31.24 -42.03 -9.60
C GLU B 12 -30.69 -40.65 -9.22
N LYS B 13 -29.50 -40.62 -8.61
CA LYS B 13 -28.86 -39.33 -8.21
C LYS B 13 -28.55 -38.52 -9.46
N ARG B 14 -28.06 -39.16 -10.52
CA ARG B 14 -27.71 -38.43 -11.77
C ARG B 14 -28.97 -37.84 -12.42
N ARG B 15 -30.08 -38.58 -12.41
CA ARG B 15 -31.35 -38.08 -13.01
C ARG B 15 -31.83 -36.84 -12.24
N ALA B 16 -31.83 -36.91 -10.91
CA ALA B 16 -32.26 -35.74 -10.10
C ALA B 16 -31.31 -34.58 -10.37
N ALA B 17 -30.00 -34.84 -10.37
CA ALA B 17 -29.00 -33.77 -10.54
C ALA B 17 -29.12 -33.14 -11.93
N LYS B 18 -29.39 -33.95 -12.96
CA LYS B 18 -29.53 -33.43 -14.33
C LYS B 18 -30.70 -32.44 -14.40
N LEU B 19 -31.81 -32.77 -13.72
CA LEU B 19 -33.00 -31.87 -13.71
C LEU B 19 -32.67 -30.58 -12.92
N ALA B 20 -31.98 -30.72 -11.78
CA ALA B 20 -31.60 -29.54 -10.98
C ALA B 20 -30.70 -28.59 -11.79
N ALA B 21 -29.81 -29.13 -12.63
CA ALA B 21 -28.87 -28.29 -13.43
C ALA B 21 -29.64 -27.34 -14.36
N THR B 22 -30.85 -27.68 -14.80
CA THR B 22 -31.66 -26.83 -15.71
C THR B 22 -32.00 -25.48 -15.05
N LEU B 23 -31.83 -25.36 -13.72
CA LEU B 23 -32.17 -24.09 -13.01
C LEU B 23 -31.05 -23.04 -13.14
N VAL B 24 -29.84 -23.46 -13.50
CA VAL B 24 -28.69 -22.52 -13.53
C VAL B 24 -28.82 -21.55 -14.72
N GLU B 25 -28.62 -20.26 -14.44
CA GLU B 25 -28.68 -19.18 -15.46
C GLU B 25 -27.30 -18.53 -15.54
N PRO B 26 -26.91 -17.97 -16.70
CA PRO B 26 -25.60 -17.34 -16.83
C PRO B 26 -25.32 -16.26 -15.78
N ASP B 27 -24.09 -16.26 -15.28
CA ASP B 27 -23.52 -15.24 -14.36
C ASP B 27 -24.11 -15.35 -12.95
N GLN B 28 -24.86 -16.40 -12.66
CA GLN B 28 -25.37 -16.56 -11.28
C GLN B 28 -24.23 -16.96 -10.33
N THR B 29 -24.44 -16.67 -9.05
CA THR B 29 -23.52 -17.08 -7.96
C THR B 29 -24.22 -18.25 -7.26
N LEU B 30 -23.58 -19.41 -7.26
CA LEU B 30 -24.21 -20.64 -6.71
C LEU B 30 -23.44 -21.18 -5.52
N PHE B 31 -24.16 -21.83 -4.60
CA PHE B 31 -23.56 -22.61 -3.50
C PHE B 31 -23.87 -24.09 -3.75
N PHE B 32 -22.86 -24.95 -3.64
CA PHE B 32 -23.04 -26.41 -3.77
C PHE B 32 -22.66 -27.08 -2.45
N ASP B 33 -23.58 -27.89 -1.94
CA ASP B 33 -23.45 -28.62 -0.67
C ASP B 33 -22.48 -29.79 -0.90
N CYS B 34 -22.18 -30.53 0.16
CA CYS B 34 -21.23 -31.69 0.06
C CYS B 34 -22.00 -32.95 -0.37
N GLY B 35 -21.30 -34.08 -0.50
CA GLY B 35 -21.99 -35.34 -0.84
C GLY B 35 -21.73 -35.80 -2.26
N THR B 36 -22.41 -36.87 -2.68
CA THR B 36 -22.19 -37.49 -4.02
C THR B 36 -23.32 -37.16 -5.00
N THR B 37 -24.21 -36.23 -4.65
CA THR B 37 -25.30 -35.83 -5.60
C THR B 37 -24.90 -34.52 -6.26
N THR B 38 -24.45 -33.54 -5.47
CA THR B 38 -24.10 -32.19 -6.01
C THR B 38 -23.05 -32.25 -7.11
N PRO B 39 -21.99 -33.10 -7.07
CA PRO B 39 -21.04 -33.15 -8.18
C PRO B 39 -21.71 -33.47 -9.52
N TRP B 40 -22.80 -34.24 -9.48
CA TRP B 40 -23.54 -34.56 -10.74
C TRP B 40 -24.30 -33.32 -11.22
N ILE B 41 -24.73 -32.44 -10.32
CA ILE B 41 -25.40 -31.19 -10.78
C ILE B 41 -24.37 -30.38 -11.55
N ILE B 42 -23.19 -30.21 -10.95
CA ILE B 42 -22.07 -29.42 -11.57
C ILE B 42 -21.75 -30.03 -12.93
N GLU B 43 -21.66 -31.35 -13.00
CA GLU B 43 -21.26 -31.99 -14.29
C GLU B 43 -22.33 -31.74 -15.36
N ALA B 44 -23.62 -31.71 -14.96
CA ALA B 44 -24.74 -31.60 -15.94
C ALA B 44 -24.91 -30.16 -16.47
N ILE B 45 -24.35 -29.15 -15.80
CA ILE B 45 -24.51 -27.75 -16.27
C ILE B 45 -23.80 -27.58 -17.62
N ASP B 46 -24.48 -26.95 -18.57
CA ASP B 46 -23.93 -26.63 -19.91
C ASP B 46 -22.53 -26.02 -19.72
N ASN B 47 -21.49 -26.63 -20.30
CA ASN B 47 -20.10 -26.12 -20.15
C ASN B 47 -19.93 -24.71 -20.72
N GLU B 48 -20.89 -24.21 -21.50
CA GLU B 48 -20.79 -22.86 -22.11
C GLU B 48 -21.37 -21.78 -21.18
N ILE B 49 -22.01 -22.17 -20.08
CA ILE B 49 -22.66 -21.16 -19.18
C ILE B 49 -21.63 -20.67 -18.16
N PRO B 50 -21.36 -19.35 -18.10
CA PRO B 50 -20.46 -18.82 -17.08
C PRO B 50 -21.21 -18.71 -15.75
N PHE B 51 -20.55 -19.07 -14.66
CA PHE B 51 -21.15 -18.90 -13.31
C PHE B 51 -20.04 -18.85 -12.27
N THR B 52 -20.41 -18.35 -11.09
CA THR B 52 -19.52 -18.29 -9.91
C THR B 52 -20.07 -19.31 -8.91
N ALA B 53 -19.19 -20.07 -8.25
CA ALA B 53 -19.69 -21.07 -7.29
C ALA B 53 -18.80 -21.14 -6.06
N VAL B 54 -19.44 -21.32 -4.90
CA VAL B 54 -18.73 -21.50 -3.60
C VAL B 54 -19.13 -22.88 -3.07
N CYS B 55 -18.18 -23.56 -2.44
CA CYS B 55 -18.41 -24.91 -1.90
C CYS B 55 -17.52 -25.08 -0.67
N TYR B 56 -17.63 -26.21 0.03
CA TYR B 56 -16.84 -26.43 1.27
C TYR B 56 -16.37 -27.89 1.33
N SER B 57 -16.31 -28.56 0.17
CA SER B 57 -15.84 -29.97 0.16
C SER B 57 -14.95 -30.23 -1.04
N LEU B 58 -14.02 -31.16 -0.90
CA LEU B 58 -12.99 -31.45 -1.92
C LEU B 58 -13.61 -31.99 -3.21
N ASN B 59 -14.50 -32.98 -3.11
N ASN B 59 -14.49 -32.99 -3.10
CA ASN B 59 -15.08 -33.59 -4.35
CA ASN B 59 -15.16 -33.64 -4.26
C ASN B 59 -15.93 -32.55 -5.08
C ASN B 59 -15.97 -32.59 -5.04
N THR B 60 -16.67 -31.72 -4.33
CA THR B 60 -17.48 -30.65 -4.97
C THR B 60 -16.53 -29.68 -5.67
N PHE B 61 -15.47 -29.28 -4.99
CA PHE B 61 -14.51 -28.33 -5.61
C PHE B 61 -13.90 -28.94 -6.88
N LEU B 62 -13.48 -30.20 -6.81
CA LEU B 62 -12.82 -30.83 -7.99
C LEU B 62 -13.77 -30.86 -9.19
N ALA B 63 -15.09 -30.98 -8.94
CA ALA B 63 -16.07 -30.96 -10.05
C ALA B 63 -16.14 -29.54 -10.62
N LEU B 64 -16.15 -28.52 -9.75
CA LEU B 64 -16.18 -27.11 -10.24
C LEU B 64 -14.92 -26.81 -11.07
N LYS B 65 -13.76 -27.35 -10.65
CA LYS B 65 -12.46 -27.13 -11.33
C LYS B 65 -12.50 -27.60 -12.79
N GLU B 66 -13.33 -28.60 -13.11
CA GLU B 66 -13.43 -29.14 -14.50
C GLU B 66 -14.30 -28.25 -15.40
N LYS B 67 -15.06 -27.31 -14.83
CA LYS B 67 -15.94 -26.43 -15.66
C LYS B 67 -15.13 -25.26 -16.17
N PRO B 68 -14.89 -25.14 -17.50
CA PRO B 68 -14.04 -24.07 -18.03
C PRO B 68 -14.55 -22.63 -17.80
N HIS B 69 -15.83 -22.44 -17.51
CA HIS B 69 -16.35 -21.05 -17.33
C HIS B 69 -16.86 -20.84 -15.90
N CYS B 70 -16.36 -21.67 -14.98
CA CYS B 70 -16.76 -21.52 -13.56
C CYS B 70 -15.67 -20.78 -12.80
N ARG B 71 -16.06 -19.68 -12.17
CA ARG B 71 -15.20 -18.96 -11.21
C ARG B 71 -15.43 -19.68 -9.88
N ALA B 72 -14.47 -20.50 -9.46
CA ALA B 72 -14.66 -21.38 -8.29
C ALA B 72 -14.05 -20.82 -7.00
N PHE B 73 -14.81 -20.93 -5.91
CA PHE B 73 -14.41 -20.54 -4.55
C PHE B 73 -14.50 -21.76 -3.62
N LEU B 74 -13.45 -21.97 -2.83
CA LEU B 74 -13.49 -23.07 -1.84
C LEU B 74 -13.35 -22.44 -0.45
N CYS B 75 -14.36 -22.68 0.38
CA CYS B 75 -14.36 -22.29 1.80
C CYS B 75 -13.32 -23.20 2.45
N GLY B 76 -12.24 -22.62 2.97
CA GLY B 76 -11.17 -23.42 3.58
C GLY B 76 -11.41 -23.69 5.05
N GLY B 77 -10.33 -23.99 5.77
CA GLY B 77 -10.39 -24.28 7.21
C GLY B 77 -9.75 -25.62 7.49
N GLU B 78 -10.25 -26.32 8.52
CA GLU B 78 -9.68 -27.63 8.87
C GLU B 78 -10.39 -28.73 8.07
N PHE B 79 -9.61 -29.66 7.51
CA PHE B 79 -10.18 -30.75 6.68
C PHE B 79 -10.71 -31.90 7.55
N HIS B 80 -11.92 -32.37 7.23
N HIS B 80 -11.90 -32.39 7.19
CA HIS B 80 -12.60 -33.51 7.90
CA HIS B 80 -12.61 -33.51 7.89
C HIS B 80 -12.82 -34.63 6.86
C HIS B 80 -12.86 -34.63 6.88
N ALA B 81 -12.38 -35.85 7.17
CA ALA B 81 -12.47 -37.01 6.25
C ALA B 81 -13.88 -37.32 5.73
N SER B 82 -14.89 -37.39 6.61
CA SER B 82 -16.27 -37.74 6.19
C SER B 82 -16.85 -36.66 5.25
N ASN B 83 -17.12 -37.04 3.99
CA ASN B 83 -17.62 -36.12 2.93
C ASN B 83 -16.52 -35.11 2.55
N ALA B 84 -15.28 -35.37 3.00
CA ALA B 84 -14.11 -34.52 2.67
C ALA B 84 -14.49 -33.03 2.74
N ILE B 85 -14.95 -32.57 3.90
CA ILE B 85 -15.35 -31.13 4.03
C ILE B 85 -14.25 -30.32 4.72
N PHE B 86 -14.40 -29.00 4.62
CA PHE B 86 -13.53 -28.03 5.33
C PHE B 86 -14.42 -27.35 6.37
N LYS B 87 -13.96 -27.35 7.62
CA LYS B 87 -14.71 -26.71 8.73
C LYS B 87 -14.14 -25.30 8.85
N PRO B 88 -14.87 -24.24 8.44
CA PRO B 88 -14.33 -22.90 8.52
C PRO B 88 -14.02 -22.53 9.99
N ILE B 89 -12.86 -21.93 10.21
CA ILE B 89 -12.47 -21.42 11.56
C ILE B 89 -13.28 -20.14 11.77
N ASP B 90 -13.37 -19.33 10.71
CA ASP B 90 -14.07 -18.02 10.68
C ASP B 90 -14.93 -17.95 9.42
N PHE B 91 -16.23 -17.69 9.57
CA PHE B 91 -17.11 -17.56 8.37
C PHE B 91 -16.80 -16.24 7.64
N GLN B 92 -16.12 -15.31 8.31
CA GLN B 92 -15.78 -13.99 7.67
C GLN B 92 -14.73 -14.18 6.58
N GLN B 93 -13.95 -15.28 6.63
CA GLN B 93 -12.87 -15.57 5.64
C GLN B 93 -13.45 -15.61 4.22
N THR B 94 -14.43 -16.50 3.98
CA THR B 94 -14.98 -16.66 2.60
C THR B 94 -16.51 -16.61 2.58
N LEU B 95 -17.18 -17.45 3.37
CA LEU B 95 -18.67 -17.57 3.26
C LEU B 95 -19.43 -16.26 3.53
N ASN B 96 -19.05 -15.47 4.52
CA ASN B 96 -19.86 -14.24 4.85
C ASN B 96 -19.85 -13.20 3.73
N ASN B 97 -19.02 -13.39 2.71
CA ASN B 97 -18.95 -12.45 1.56
C ASN B 97 -20.04 -12.79 0.51
N PHE B 98 -20.80 -13.87 0.72
CA PHE B 98 -21.77 -14.29 -0.34
C PHE B 98 -23.24 -14.39 0.12
N CYS B 99 -24.14 -14.01 -0.79
CA CYS B 99 -25.61 -14.23 -0.73
C CYS B 99 -25.94 -14.92 -2.05
N PRO B 100 -25.67 -16.23 -2.20
CA PRO B 100 -25.83 -16.90 -3.48
C PRO B 100 -27.23 -16.80 -4.09
N ASP B 101 -27.27 -16.73 -5.43
CA ASP B 101 -28.55 -16.69 -6.19
C ASP B 101 -29.32 -17.99 -5.91
N ILE B 102 -28.60 -19.10 -5.91
CA ILE B 102 -29.19 -20.44 -5.65
C ILE B 102 -28.23 -21.24 -4.77
N ALA B 103 -28.79 -21.90 -3.76
CA ALA B 103 -28.03 -22.86 -2.94
C ALA B 103 -28.59 -24.25 -3.27
N PHE B 104 -27.73 -25.17 -3.68
CA PHE B 104 -28.11 -26.58 -3.96
C PHE B 104 -27.68 -27.42 -2.75
N TYR B 105 -28.66 -28.06 -2.10
CA TYR B 105 -28.43 -28.82 -0.86
C TYR B 105 -28.53 -30.33 -1.06
N SER B 106 -27.82 -31.03 -0.18
CA SER B 106 -27.90 -32.51 -0.04
C SER B 106 -28.57 -32.82 1.31
N ALA B 107 -29.19 -33.98 1.41
CA ALA B 107 -29.78 -34.43 2.69
C ALA B 107 -29.82 -35.97 2.69
N ALA B 108 -29.68 -36.57 3.86
CA ALA B 108 -29.78 -38.05 4.03
C ALA B 108 -31.24 -38.42 4.33
N GLY B 109 -32.08 -37.43 4.67
CA GLY B 109 -33.47 -37.70 5.01
C GLY B 109 -34.35 -36.50 4.72
N VAL B 110 -35.58 -36.77 4.28
CA VAL B 110 -36.59 -35.74 3.92
C VAL B 110 -37.92 -36.19 4.53
N HIS B 111 -38.41 -35.44 5.52
CA HIS B 111 -39.63 -35.85 6.27
C HIS B 111 -40.52 -34.61 6.44
N VAL B 112 -41.85 -34.77 6.35
N VAL B 112 -41.85 -34.81 6.35
CA VAL B 112 -42.74 -33.57 6.42
CA VAL B 112 -42.85 -33.71 6.44
C VAL B 112 -42.67 -32.92 7.80
C VAL B 112 -42.78 -32.98 7.78
N SER B 113 -42.46 -33.70 8.87
CA SER B 113 -42.41 -33.07 10.22
C SER B 113 -40.99 -33.01 10.78
N LYS B 114 -40.14 -34.01 10.47
CA LYS B 114 -38.75 -34.05 11.01
C LYS B 114 -37.82 -33.21 10.14
N GLY B 115 -38.28 -32.81 8.94
CA GLY B 115 -37.54 -31.90 8.05
C GLY B 115 -36.44 -32.59 7.25
N ALA B 116 -35.50 -31.77 6.77
CA ALA B 116 -34.32 -32.28 6.03
C ALA B 116 -33.24 -32.56 7.07
N THR B 117 -32.67 -33.76 7.02
CA THR B 117 -31.63 -34.18 7.99
C THR B 117 -30.43 -34.75 7.26
N CYS B 118 -29.28 -34.73 7.94
CA CYS B 118 -28.04 -35.33 7.40
C CYS B 118 -27.38 -36.18 8.48
N PHE B 119 -26.38 -36.97 8.10
CA PHE B 119 -25.70 -37.85 9.09
C PHE B 119 -24.77 -37.09 10.02
N ASN B 120 -24.05 -36.09 9.49
CA ASN B 120 -22.96 -35.47 10.26
C ASN B 120 -23.30 -34.07 10.81
N LEU B 121 -23.27 -33.94 12.14
CA LEU B 121 -23.49 -32.63 12.82
C LEU B 121 -22.47 -31.60 12.33
N GLU B 122 -21.27 -32.05 11.95
CA GLU B 122 -20.18 -31.14 11.51
C GLU B 122 -20.55 -30.36 10.24
N GLU B 123 -21.57 -30.80 9.50
CA GLU B 123 -21.96 -30.10 8.23
C GLU B 123 -23.03 -29.05 8.50
N LEU B 124 -23.60 -29.03 9.71
CA LEU B 124 -24.73 -28.09 9.98
C LEU B 124 -24.28 -26.62 9.95
N PRO B 125 -23.12 -26.20 10.50
CA PRO B 125 -22.72 -24.79 10.43
C PRO B 125 -22.81 -24.19 9.01
N VAL B 126 -22.26 -24.89 8.00
CA VAL B 126 -22.28 -24.36 6.60
C VAL B 126 -23.69 -24.50 6.01
N LYS B 127 -24.35 -25.64 6.24
CA LYS B 127 -25.73 -25.81 5.72
C LYS B 127 -26.63 -24.71 6.32
N HIS B 128 -26.51 -24.45 7.62
CA HIS B 128 -27.35 -23.39 8.25
C HIS B 128 -26.97 -22.01 7.69
N TRP B 129 -25.67 -21.79 7.43
CA TRP B 129 -25.24 -20.50 6.82
C TRP B 129 -25.95 -20.32 5.47
N ALA B 130 -25.88 -21.34 4.61
CA ALA B 130 -26.52 -21.22 3.27
C ALA B 130 -28.03 -20.97 3.39
N MSE B 131 -28.68 -21.66 4.33
CA MSE B 131 -30.12 -21.53 4.48
C MSE B 131 -30.49 -20.12 4.94
O MSE B 131 -31.59 -19.65 4.64
CB MSE B 131 -30.64 -22.62 5.43
CG MSE B 131 -30.48 -23.99 4.86
SE MSE B 131 -30.93 -25.41 6.13
CE MSE B 131 -32.87 -25.30 5.99
N SER B 132 -29.57 -19.44 5.61
CA SER B 132 -29.84 -18.10 6.09
C SER B 132 -29.46 -17.03 5.06
N MSE B 133 -28.54 -17.32 4.13
CA MSE B 133 -28.01 -16.27 3.27
C MSE B 133 -28.31 -16.42 1.78
O MSE B 133 -28.23 -15.42 1.05
CB MSE B 133 -26.49 -16.18 3.46
CG MSE B 133 -26.07 -15.62 4.79
SE MSE B 133 -26.50 -13.71 4.96
CE MSE B 133 -27.53 -13.59 6.61
N ALA B 134 -28.60 -17.63 1.29
CA ALA B 134 -28.88 -17.79 -0.14
C ALA B 134 -30.27 -17.24 -0.46
N GLN B 135 -30.50 -16.90 -1.74
CA GLN B 135 -31.75 -16.22 -2.20
C GLN B 135 -32.80 -17.25 -2.64
N LYS B 136 -32.36 -18.44 -3.03
CA LYS B 136 -33.28 -19.52 -3.44
C LYS B 136 -32.66 -20.84 -2.96
N HIS B 137 -33.47 -21.72 -2.40
CA HIS B 137 -32.99 -22.97 -1.76
C HIS B 137 -33.52 -24.19 -2.53
N VAL B 138 -32.61 -25.00 -3.07
CA VAL B 138 -33.00 -26.18 -3.91
C VAL B 138 -32.41 -27.45 -3.29
N LEU B 139 -33.29 -28.31 -2.78
CA LEU B 139 -32.86 -29.60 -2.18
C LEU B 139 -32.91 -30.67 -3.28
N VAL B 140 -31.78 -31.34 -3.52
CA VAL B 140 -31.67 -32.36 -4.59
C VAL B 140 -31.46 -33.73 -3.94
N VAL B 141 -32.50 -34.57 -3.99
CA VAL B 141 -32.48 -35.89 -3.28
C VAL B 141 -33.13 -36.99 -4.12
N ASP B 142 -32.51 -38.16 -4.11
CA ASP B 142 -33.08 -39.36 -4.77
C ASP B 142 -34.28 -39.82 -3.95
N HIS B 143 -35.13 -40.68 -4.53
CA HIS B 143 -36.42 -41.06 -3.89
C HIS B 143 -36.26 -41.81 -2.57
N SER B 144 -35.12 -42.48 -2.35
N SER B 144 -35.15 -42.51 -2.35
CA SER B 144 -34.87 -43.30 -1.14
CA SER B 144 -34.96 -43.32 -1.11
C SER B 144 -34.82 -42.44 0.13
C SER B 144 -34.80 -42.45 0.14
N LYS B 145 -34.55 -41.15 -0.01
CA LYS B 145 -34.37 -40.26 1.17
C LYS B 145 -35.69 -39.88 1.82
N PHE B 146 -36.79 -39.95 1.08
CA PHE B 146 -38.11 -39.57 1.63
C PHE B 146 -38.53 -40.54 2.73
N GLY B 147 -38.92 -39.97 3.88
CA GLY B 147 -39.39 -40.75 5.04
C GLY B 147 -38.26 -41.06 6.02
N LYS B 148 -37.01 -40.91 5.60
CA LYS B 148 -35.88 -41.23 6.53
CA LYS B 148 -35.86 -41.22 6.50
C LYS B 148 -35.58 -40.02 7.41
N VAL B 149 -35.09 -40.29 8.61
CA VAL B 149 -34.76 -39.23 9.61
C VAL B 149 -33.38 -39.51 10.16
N ARG B 150 -32.44 -38.61 9.89
CA ARG B 150 -31.04 -38.76 10.38
C ARG B 150 -30.86 -37.80 11.56
N PRO B 151 -29.76 -37.95 12.34
CA PRO B 151 -29.58 -37.19 13.57
C PRO B 151 -29.29 -35.68 13.49
N ALA B 152 -28.70 -35.19 12.38
CA ALA B 152 -28.35 -33.76 12.24
C ALA B 152 -29.48 -33.04 11.49
N ARG B 153 -30.13 -32.07 12.15
CA ARG B 153 -31.31 -31.41 11.51
C ARG B 153 -30.89 -30.12 10.81
N MSE B 154 -31.20 -30.06 9.51
CA MSE B 154 -30.89 -28.91 8.69
C MSE B 154 -31.98 -27.87 8.92
O MSE B 154 -31.71 -26.76 9.35
CB MSE B 154 -30.76 -29.34 7.22
CG MSE B 154 -29.61 -30.31 7.01
SE MSE B 154 -29.57 -31.13 5.24
CE MSE B 154 -29.65 -29.57 4.07
N GLY B 155 -33.25 -28.27 8.69
CA GLY B 155 -34.38 -27.38 8.91
C GLY B 155 -35.68 -27.95 8.38
N ASP B 156 -36.78 -27.20 8.57
N ASP B 156 -36.78 -27.21 8.57
CA ASP B 156 -38.12 -27.63 8.08
CA ASP B 156 -38.11 -27.68 8.10
C ASP B 156 -38.09 -27.75 6.56
C ASP B 156 -38.10 -27.74 6.57
N LEU B 157 -38.84 -28.69 6.00
CA LEU B 157 -38.88 -28.88 4.53
C LEU B 157 -39.37 -27.58 3.84
N LYS B 158 -40.19 -26.78 4.54
CA LYS B 158 -40.76 -25.52 3.97
C LYS B 158 -39.65 -24.49 3.71
N ARG B 159 -38.43 -24.74 4.24
CA ARG B 159 -37.31 -23.78 4.04
C ARG B 159 -36.76 -23.92 2.62
N PHE B 160 -37.15 -24.97 1.89
CA PHE B 160 -36.65 -25.21 0.53
C PHE B 160 -37.70 -24.75 -0.49
N ASP B 161 -37.25 -23.91 -1.42
CA ASP B 161 -38.13 -23.36 -2.49
C ASP B 161 -38.45 -24.46 -3.50
N ILE B 162 -37.49 -25.33 -3.74
CA ILE B 162 -37.67 -26.43 -4.74
C ILE B 162 -37.07 -27.71 -4.17
N VAL B 163 -37.79 -28.81 -4.35
CA VAL B 163 -37.25 -30.15 -4.02
C VAL B 163 -37.19 -30.92 -5.35
N VAL B 164 -35.98 -31.37 -5.72
CA VAL B 164 -35.75 -32.08 -7.01
C VAL B 164 -35.46 -33.55 -6.70
N SER B 165 -36.20 -34.46 -7.34
CA SER B 165 -35.97 -35.92 -7.13
C SER B 165 -35.99 -36.63 -8.49
N ASP B 166 -35.72 -37.93 -8.48
CA ASP B 166 -35.70 -38.76 -9.72
C ASP B 166 -37.11 -39.21 -10.08
N CYS B 167 -38.03 -39.14 -9.13
CA CYS B 167 -39.45 -39.50 -9.42
C CYS B 167 -40.34 -38.77 -8.41
N CYS B 168 -41.62 -38.63 -8.72
CA CYS B 168 -42.54 -37.92 -7.80
C CYS B 168 -42.61 -38.66 -6.47
N PRO B 169 -42.45 -37.96 -5.32
CA PRO B 169 -42.59 -38.60 -4.02
C PRO B 169 -44.05 -38.96 -3.71
N GLU B 170 -44.27 -39.58 -2.55
CA GLU B 170 -45.62 -40.04 -2.15
C GLU B 170 -46.54 -38.84 -1.92
N ASP B 171 -47.85 -39.10 -1.97
CA ASP B 171 -48.89 -38.04 -1.90
C ASP B 171 -48.70 -37.12 -0.70
N GLU B 172 -48.23 -37.62 0.45
CA GLU B 172 -48.10 -36.70 1.63
C GLU B 172 -47.11 -35.57 1.32
N TYR B 173 -46.06 -35.84 0.53
CA TYR B 173 -45.07 -34.79 0.17
C TYR B 173 -45.68 -33.83 -0.86
N VAL B 174 -46.47 -34.37 -1.78
CA VAL B 174 -47.15 -33.52 -2.81
C VAL B 174 -48.09 -32.55 -2.08
N LYS B 175 -48.84 -33.05 -1.10
CA LYS B 175 -49.81 -32.20 -0.35
C LYS B 175 -49.05 -31.18 0.50
N TYR B 176 -47.99 -31.61 1.18
CA TYR B 176 -47.20 -30.66 2.03
C TYR B 176 -46.65 -29.53 1.14
N ALA B 177 -46.18 -29.90 -0.07
CA ALA B 177 -45.60 -28.90 -1.01
C ALA B 177 -46.68 -27.88 -1.43
N GLN B 178 -47.90 -28.35 -1.67
CA GLN B 178 -49.02 -27.43 -2.04
C GLN B 178 -49.31 -26.48 -0.87
N THR B 179 -49.30 -27.00 0.37
CA THR B 179 -49.62 -26.18 1.57
C THR B 179 -48.49 -25.17 1.87
N GLN B 180 -47.24 -25.51 1.55
CA GLN B 180 -46.09 -24.64 1.91
C GLN B 180 -45.53 -23.89 0.70
N ARG B 181 -46.10 -24.12 -0.49
CA ARG B 181 -45.65 -23.49 -1.77
C ARG B 181 -44.19 -23.89 -2.04
N ILE B 182 -43.95 -25.20 -2.01
CA ILE B 182 -42.65 -25.81 -2.39
C ILE B 182 -42.86 -26.34 -3.80
N LYS B 183 -41.94 -26.05 -4.73
CA LYS B 183 -42.08 -26.62 -6.08
C LYS B 183 -41.41 -28.00 -6.08
N LEU B 184 -42.13 -29.02 -6.55
CA LEU B 184 -41.52 -30.37 -6.67
C LEU B 184 -41.16 -30.58 -8.14
N MSE B 185 -39.90 -30.95 -8.38
CA MSE B 185 -39.41 -31.20 -9.71
C MSE B 185 -39.01 -32.67 -9.79
O MSE B 185 -38.27 -33.15 -8.95
CB MSE B 185 -38.21 -30.30 -10.02
CG MSE B 185 -38.55 -28.87 -10.31
SE MSE B 185 -36.94 -27.87 -10.82
CE MSE B 185 -36.55 -28.23 -12.70
N TYR B 186 -39.51 -33.37 -10.82
CA TYR B 186 -39.22 -34.78 -11.01
C TYR B 186 -39.53 -35.16 -12.46
N ARG C 8 -4.83 22.11 29.18
CA ARG C 8 -4.35 21.16 28.13
C ARG C 8 -3.55 20.01 28.78
N LEU C 9 -3.77 19.79 30.08
CA LEU C 9 -3.14 18.69 30.86
C LEU C 9 -1.61 18.67 30.69
N VAL C 10 -0.96 19.83 30.81
CA VAL C 10 0.52 19.86 30.65
C VAL C 10 1.14 19.09 31.79
N GLU C 11 0.53 19.15 32.98
CA GLU C 11 1.15 18.44 34.11
C GLU C 11 1.05 16.92 33.89
N GLU C 12 -0.04 16.47 33.31
CA GLU C 12 -0.24 15.02 33.03
C GLU C 12 0.77 14.60 31.96
N LYS C 13 0.96 15.41 30.93
CA LYS C 13 1.95 15.09 29.86
C LYS C 13 3.33 15.00 30.48
N ARG C 14 3.66 15.96 31.35
CA ARG C 14 4.99 15.97 31.98
C ARG C 14 5.15 14.70 32.85
N ARG C 15 4.10 14.27 33.57
CA ARG C 15 4.25 13.06 34.43
C ARG C 15 4.47 11.82 33.55
N ALA C 16 3.66 11.65 32.50
CA ALA C 16 3.84 10.49 31.59
C ALA C 16 5.25 10.54 30.96
N ALA C 17 5.70 11.75 30.58
CA ALA C 17 7.02 11.93 29.93
C ALA C 17 8.14 11.58 30.92
N LYS C 18 8.01 11.98 32.20
CA LYS C 18 9.07 11.67 33.19
C LYS C 18 9.21 10.16 33.33
N LEU C 19 8.08 9.44 33.36
CA LEU C 19 8.10 7.96 33.50
C LEU C 19 8.76 7.35 32.26
N ALA C 20 8.40 7.84 31.07
CA ALA C 20 9.01 7.36 29.80
C ALA C 20 10.52 7.58 29.83
N ALA C 21 10.97 8.71 30.40
CA ALA C 21 12.41 9.04 30.46
C ALA C 21 13.19 8.00 31.27
N THR C 22 12.56 7.29 32.22
CA THR C 22 13.28 6.28 33.04
C THR C 22 13.79 5.12 32.18
N LEU C 23 13.29 4.97 30.94
CA LEU C 23 13.74 3.88 30.02
C LEU C 23 15.08 4.22 29.37
N VAL C 24 15.51 5.48 29.43
CA VAL C 24 16.75 5.91 28.71
C VAL C 24 18.00 5.41 29.45
N GLU C 25 18.93 4.84 28.68
CA GLU C 25 20.22 4.33 29.19
C GLU C 25 21.34 5.08 28.48
N PRO C 26 22.51 5.32 29.13
CA PRO C 26 23.60 6.04 28.47
C PRO C 26 24.00 5.43 27.12
N ASP C 27 24.37 6.31 26.17
CA ASP C 27 24.90 5.95 24.82
C ASP C 27 23.83 5.33 23.91
N GLN C 28 22.55 5.41 24.29
CA GLN C 28 21.51 4.88 23.37
C GLN C 28 21.26 5.87 22.24
N THR C 29 20.66 5.38 21.15
CA THR C 29 20.19 6.24 20.03
C THR C 29 18.68 6.32 20.19
N LEU C 30 18.15 7.53 20.34
CA LEU C 30 16.71 7.71 20.62
C LEU C 30 16.02 8.53 19.55
N PHE C 31 14.81 8.11 19.17
CA PHE C 31 13.96 8.91 18.26
C PHE C 31 12.90 9.62 19.12
N PHE C 32 12.65 10.90 18.81
CA PHE C 32 11.61 11.70 19.52
C PHE C 32 10.61 12.25 18.50
N ASP C 33 9.34 11.90 18.71
CA ASP C 33 8.24 12.34 17.81
C ASP C 33 7.97 13.83 18.03
N CYS C 34 7.07 14.39 17.23
CA CYS C 34 6.72 15.84 17.34
C CYS C 34 5.65 16.03 18.42
N GLY C 35 5.27 17.29 18.67
CA GLY C 35 4.22 17.59 19.66
C GLY C 35 4.76 18.23 20.93
N THR C 36 3.92 18.34 21.95
CA THR C 36 4.24 19.02 23.24
C THR C 36 4.37 18.02 24.41
N THR C 37 4.39 16.71 24.12
CA THR C 37 4.62 15.69 25.19
C THR C 37 6.10 15.26 25.15
N THR C 38 6.64 15.01 23.97
CA THR C 38 8.03 14.48 23.83
C THR C 38 9.07 15.45 24.40
N PRO C 39 8.92 16.79 24.28
CA PRO C 39 9.92 17.70 24.86
C PRO C 39 10.08 17.51 26.38
N TRP C 40 9.02 17.04 27.05
CA TRP C 40 9.09 16.79 28.51
C TRP C 40 9.92 15.52 28.76
N ILE C 41 9.93 14.58 27.81
CA ILE C 41 10.80 13.37 27.98
C ILE C 41 12.26 13.86 27.95
N ILE C 42 12.58 14.68 26.95
CA ILE C 42 13.94 15.27 26.75
C ILE C 42 14.36 16.03 28.02
N GLU C 43 13.46 16.83 28.58
CA GLU C 43 13.80 17.62 29.80
C GLU C 43 14.13 16.68 30.95
N ALA C 44 13.41 15.55 31.04
CA ALA C 44 13.52 14.60 32.18
C ALA C 44 14.81 13.77 32.11
N ILE C 45 15.43 13.66 30.95
CA ILE C 45 16.72 12.90 30.85
C ILE C 45 17.82 13.69 31.57
N ASP C 46 18.54 13.05 32.49
CA ASP C 46 19.64 13.71 33.25
C ASP C 46 20.62 14.36 32.25
N ASN C 47 20.97 15.62 32.47
N ASN C 47 20.98 15.61 32.50
CA ASN C 47 21.89 16.37 31.55
CA ASN C 47 21.90 16.41 31.63
C ASN C 47 23.30 15.76 31.54
C ASN C 47 23.28 15.77 31.55
N GLU C 48 23.57 14.77 32.39
CA GLU C 48 24.90 14.11 32.43
C GLU C 48 24.92 12.86 31.55
N ILE C 49 23.74 12.37 31.16
CA ILE C 49 23.62 11.11 30.35
C ILE C 49 23.94 11.40 28.88
N PRO C 50 24.96 10.74 28.31
CA PRO C 50 25.27 10.91 26.89
C PRO C 50 24.32 10.07 26.02
N PHE C 51 23.86 10.64 24.89
CA PHE C 51 22.96 9.87 23.99
C PHE C 51 22.91 10.57 22.63
N THR C 52 22.44 9.82 21.63
CA THR C 52 22.25 10.34 20.26
C THR C 52 20.74 10.45 20.05
N ALA C 53 20.27 11.62 19.59
CA ALA C 53 18.83 11.86 19.37
C ALA C 53 18.54 12.11 17.89
N VAL C 54 17.44 11.54 17.41
CA VAL C 54 16.92 11.73 16.04
C VAL C 54 15.55 12.39 16.19
N CYS C 55 15.31 13.50 15.50
CA CYS C 55 13.98 14.17 15.58
C CYS C 55 13.64 14.74 14.20
N TYR C 56 12.43 15.27 14.04
CA TYR C 56 12.02 15.82 12.73
C TYR C 56 11.16 17.07 12.94
N SER C 57 11.29 17.72 14.10
CA SER C 57 10.50 18.94 14.37
C SER C 57 11.37 20.00 15.05
N LEU C 58 11.07 21.26 14.78
CA LEU C 58 11.85 22.41 15.30
C LEU C 58 11.83 22.46 16.83
N ASN C 59 10.66 22.32 17.47
CA ASN C 59 10.63 22.46 18.95
C ASN C 59 11.40 21.28 19.59
N THR C 60 11.27 20.08 19.02
CA THR C 60 12.00 18.90 19.55
C THR C 60 13.50 19.16 19.43
N PHE C 61 13.93 19.59 18.24
CA PHE C 61 15.36 19.90 18.00
C PHE C 61 15.86 20.96 18.98
N LEU C 62 15.14 22.08 19.11
CA LEU C 62 15.59 23.17 20.01
C LEU C 62 15.72 22.65 21.45
N ALA C 63 14.90 21.68 21.87
CA ALA C 63 15.00 21.12 23.24
C ALA C 63 16.26 20.25 23.34
N LEU C 64 16.56 19.48 22.29
CA LEU C 64 17.76 18.59 22.25
C LEU C 64 19.04 19.44 22.21
N LYS C 65 19.01 20.55 21.45
CA LYS C 65 20.16 21.47 21.25
C LYS C 65 20.69 21.97 22.61
N GLU C 66 19.85 21.99 23.63
CA GLU C 66 20.21 22.53 24.98
C GLU C 66 20.79 21.43 25.89
N LYS C 67 20.72 20.16 25.46
CA LYS C 67 21.26 19.02 26.25
C LYS C 67 22.75 18.91 25.94
N PRO C 68 23.65 19.28 26.88
CA PRO C 68 25.10 19.26 26.62
C PRO C 68 25.72 17.95 26.12
N HIS C 69 25.17 16.80 26.51
CA HIS C 69 25.78 15.50 26.11
C HIS C 69 24.94 14.79 25.06
N CYS C 70 24.03 15.53 24.43
CA CYS C 70 23.17 14.97 23.36
C CYS C 70 23.76 15.28 21.99
N ARG C 71 23.97 14.26 21.17
CA ARG C 71 24.36 14.45 19.75
C ARG C 71 23.04 14.54 19.01
N ALA C 72 22.64 15.75 18.62
CA ALA C 72 21.32 16.01 17.99
C ALA C 72 21.36 15.86 16.46
N PHE C 73 20.52 14.98 15.93
CA PHE C 73 20.39 14.75 14.47
C PHE C 73 18.99 15.21 14.05
N LEU C 74 18.92 16.03 13.00
CA LEU C 74 17.60 16.49 12.51
C LEU C 74 17.30 15.82 11.17
N CYS C 75 16.12 15.20 11.10
CA CYS C 75 15.59 14.62 9.84
C CYS C 75 15.12 15.81 8.99
N GLY C 76 15.77 16.06 7.86
CA GLY C 76 15.45 17.24 7.03
C GLY C 76 14.35 16.97 6.02
N GLY C 77 14.03 17.97 5.21
CA GLY C 77 12.96 17.85 4.21
C GLY C 77 12.17 19.13 4.13
N GLU C 78 10.91 19.03 3.68
CA GLU C 78 10.04 20.23 3.53
C GLU C 78 9.46 20.64 4.88
N PHE C 79 9.56 21.93 5.20
CA PHE C 79 8.99 22.41 6.49
C PHE C 79 7.48 22.59 6.36
N HIS C 80 6.74 22.07 7.35
CA HIS C 80 5.27 22.23 7.50
C HIS C 80 5.03 22.92 8.84
N ALA C 81 4.32 24.04 8.83
CA ALA C 81 4.11 24.87 10.05
C ALA C 81 3.42 24.08 11.17
N SER C 82 2.45 23.22 10.85
CA SER C 82 1.73 22.50 11.94
C SER C 82 2.70 21.54 12.66
N ASN C 83 2.94 21.80 13.95
CA ASN C 83 3.91 21.00 14.77
C ASN C 83 5.35 21.29 14.29
N ALA C 84 5.52 22.26 13.39
CA ALA C 84 6.85 22.69 12.89
C ALA C 84 7.68 21.47 12.51
N ILE C 85 7.16 20.63 11.62
CA ILE C 85 7.86 19.37 11.26
C ILE C 85 8.56 19.50 9.89
N PHE C 86 9.42 18.53 9.62
CA PHE C 86 10.14 18.39 8.32
C PHE C 86 9.68 17.06 7.72
N LYS C 87 9.18 17.10 6.50
CA LYS C 87 8.70 15.88 5.80
C LYS C 87 9.69 15.57 4.68
N PRO C 88 10.37 14.40 4.74
CA PRO C 88 11.31 14.02 3.69
C PRO C 88 10.66 13.95 2.30
N ILE C 89 11.43 14.34 1.30
CA ILE C 89 11.01 14.33 -0.14
C ILE C 89 10.65 12.91 -0.57
N ASP C 90 11.43 11.91 -0.14
CA ASP C 90 11.26 10.49 -0.55
C ASP C 90 11.38 9.61 0.71
N PHE C 91 10.26 9.03 1.13
CA PHE C 91 10.22 8.14 2.33
C PHE C 91 11.28 7.04 2.23
N GLN C 92 11.51 6.48 1.04
CA GLN C 92 12.48 5.37 0.83
C GLN C 92 13.90 5.80 1.22
N GLN C 93 14.22 7.10 1.18
CA GLN C 93 15.59 7.58 1.52
C GLN C 93 15.61 8.29 2.87
N THR C 94 14.67 7.97 3.75
CA THR C 94 14.60 8.62 5.09
C THR C 94 15.50 7.91 6.12
N LEU C 95 16.43 8.65 6.72
CA LEU C 95 17.30 8.15 7.83
C LEU C 95 17.64 6.66 7.65
N ASN C 96 18.13 6.28 6.47
CA ASN C 96 18.39 4.85 6.14
C ASN C 96 19.49 4.23 7.01
N ASN C 97 20.24 5.02 7.78
CA ASN C 97 21.40 4.46 8.53
C ASN C 97 21.11 4.39 10.04
N PHE C 98 19.94 4.84 10.49
CA PHE C 98 19.61 4.79 11.94
C PHE C 98 18.68 3.61 12.30
N CYS C 99 18.98 2.99 13.43
CA CYS C 99 18.19 1.89 14.04
C CYS C 99 18.07 2.23 15.52
N PRO C 100 17.25 3.24 15.88
CA PRO C 100 17.16 3.69 17.26
C PRO C 100 16.84 2.58 18.27
N ASP C 101 17.52 2.63 19.42
CA ASP C 101 17.27 1.69 20.54
C ASP C 101 15.83 1.88 21.02
N ILE C 102 15.35 3.13 21.05
CA ILE C 102 13.97 3.43 21.52
C ILE C 102 13.37 4.56 20.68
N ALA C 103 12.12 4.41 20.28
CA ALA C 103 11.37 5.49 19.60
C ALA C 103 10.25 5.92 20.55
N PHE C 104 10.19 7.23 20.85
CA PHE C 104 9.12 7.79 21.71
C PHE C 104 8.11 8.45 20.79
N TYR C 105 6.88 7.95 20.79
CA TYR C 105 5.83 8.47 19.88
C TYR C 105 4.80 9.31 20.61
N SER C 106 4.16 10.17 19.83
CA SER C 106 3.03 11.04 20.22
C SER C 106 1.81 10.59 19.41
N ALA C 107 0.61 10.82 19.95
CA ALA C 107 -0.65 10.50 19.25
C ALA C 107 -1.77 11.36 19.83
N ALA C 108 -2.70 11.79 18.97
CA ALA C 108 -3.90 12.57 19.37
C ALA C 108 -4.99 11.59 19.79
N GLY C 109 -4.91 10.33 19.33
CA GLY C 109 -5.94 9.33 19.65
C GLY C 109 -5.36 7.95 19.86
N VAL C 110 -5.91 7.21 20.83
CA VAL C 110 -5.54 5.82 21.19
C VAL C 110 -6.85 5.04 21.27
N HIS C 111 -7.07 4.14 20.30
CA HIS C 111 -8.35 3.40 20.17
C HIS C 111 -8.05 1.92 19.95
N VAL C 112 -8.78 1.03 20.63
CA VAL C 112 -8.50 -0.43 20.58
C VAL C 112 -8.65 -0.99 19.15
N SER C 113 -9.69 -0.55 18.43
N SER C 113 -9.69 -0.57 18.40
CA SER C 113 -9.98 -1.09 17.06
CA SER C 113 -9.92 -1.13 17.05
C SER C 113 -9.30 -0.26 15.98
C SER C 113 -9.29 -0.26 15.95
N LYS C 114 -9.41 1.07 16.05
CA LYS C 114 -8.87 1.97 15.00
C LYS C 114 -7.37 2.25 15.18
N GLY C 115 -6.83 2.11 16.39
CA GLY C 115 -5.38 2.27 16.60
C GLY C 115 -4.96 3.66 17.06
N ALA C 116 -3.68 3.99 16.82
CA ALA C 116 -3.09 5.30 17.17
C ALA C 116 -3.33 6.27 16.02
N THR C 117 -3.88 7.44 16.32
CA THR C 117 -4.13 8.45 15.26
C THR C 117 -3.55 9.82 15.65
N CYS C 118 -3.34 10.65 14.63
CA CYS C 118 -2.84 12.03 14.80
C CYS C 118 -3.69 12.93 13.88
N PHE C 119 -3.48 14.24 13.92
CA PHE C 119 -4.31 15.16 13.11
C PHE C 119 -3.79 15.33 11.67
N ASN C 120 -2.47 15.29 11.48
CA ASN C 120 -1.86 15.66 10.19
C ASN C 120 -1.23 14.47 9.45
N LEU C 121 -1.56 14.32 8.18
CA LEU C 121 -0.98 13.26 7.32
C LEU C 121 0.52 13.49 7.09
N GLU C 122 0.98 14.75 7.17
CA GLU C 122 2.41 15.06 6.87
C GLU C 122 3.35 14.47 7.93
N GLU C 123 2.82 14.05 9.08
CA GLU C 123 3.66 13.47 10.16
C GLU C 123 3.81 11.96 9.98
N LEU C 124 2.94 11.34 9.19
CA LEU C 124 2.93 9.86 9.06
C LEU C 124 4.24 9.31 8.49
N PRO C 125 4.87 9.91 7.45
CA PRO C 125 6.11 9.33 6.93
C PRO C 125 7.21 9.12 7.98
N VAL C 126 7.51 10.11 8.81
CA VAL C 126 8.62 9.91 9.79
C VAL C 126 8.12 9.00 10.93
N LYS C 127 6.86 9.14 11.35
CA LYS C 127 6.31 8.20 12.36
C LYS C 127 6.43 6.76 11.82
N HIS C 128 6.06 6.53 10.56
CA HIS C 128 6.15 5.18 9.94
C HIS C 128 7.61 4.74 9.83
N TRP C 129 8.51 5.69 9.54
CA TRP C 129 9.95 5.34 9.47
C TRP C 129 10.40 4.76 10.83
N ALA C 130 10.06 5.45 11.92
CA ALA C 130 10.48 5.02 13.27
C ALA C 130 9.88 3.65 13.59
N MSE C 131 8.61 3.46 13.21
CA MSE C 131 7.93 2.21 13.51
C MSE C 131 8.58 1.05 12.75
O MSE C 131 8.52 -0.08 13.21
CB MSE C 131 6.43 2.36 13.19
CG MSE C 131 5.72 3.28 14.15
SE MSE C 131 3.89 3.76 13.53
CE MSE C 131 3.07 2.01 13.51
N SER C 132 9.28 1.35 11.65
CA SER C 132 9.90 0.30 10.86
C SER C 132 11.36 0.06 11.25
N MSE C 133 12.02 1.05 11.86
CA MSE C 133 13.46 0.95 12.09
C MSE C 133 13.86 0.91 13.56
O MSE C 133 14.93 0.38 13.88
CB MSE C 133 14.16 2.13 11.41
CG MSE C 133 14.11 2.11 9.89
SE MSE C 133 15.08 0.56 9.18
CE MSE C 133 13.80 -0.65 8.33
N ALA C 134 13.05 1.46 14.46
CA ALA C 134 13.42 1.47 15.88
C ALA C 134 13.28 0.05 16.47
N GLN C 135 14.04 -0.23 17.53
CA GLN C 135 14.10 -1.58 18.18
C GLN C 135 13.03 -1.71 19.28
N LYS C 136 12.61 -0.59 19.87
CA LYS C 136 11.56 -0.61 20.93
C LYS C 136 10.67 0.61 20.70
N HIS C 137 9.35 0.39 20.70
CA HIS C 137 8.37 1.43 20.38
C HIS C 137 7.57 1.81 21.64
N VAL C 138 7.67 3.08 22.03
CA VAL C 138 7.07 3.57 23.30
C VAL C 138 6.12 4.74 22.99
N LEU C 139 4.81 4.51 23.14
CA LEU C 139 3.80 5.56 22.90
C LEU C 139 3.59 6.30 24.22
N VAL C 140 3.78 7.62 24.23
CA VAL C 140 3.65 8.44 25.47
C VAL C 140 2.44 9.36 25.31
N VAL C 141 1.37 9.06 26.04
CA VAL C 141 0.08 9.79 25.86
C VAL C 141 -0.59 10.05 27.21
N ASP C 142 -1.11 11.25 27.39
CA ASP C 142 -1.88 11.59 28.62
C ASP C 142 -3.23 10.86 28.52
N HIS C 143 -3.96 10.77 29.64
CA HIS C 143 -5.21 9.98 29.72
C HIS C 143 -6.29 10.47 28.74
N SER C 144 -6.26 11.73 28.32
CA SER C 144 -7.33 12.28 27.44
C SER C 144 -7.29 11.68 26.03
N LYS C 145 -6.16 11.09 25.63
CA LYS C 145 -6.00 10.53 24.26
C LYS C 145 -6.80 9.23 24.10
N PHE C 146 -7.03 8.51 25.20
CA PHE C 146 -7.72 7.20 25.13
C PHE C 146 -9.17 7.36 24.67
N GLY C 147 -9.55 6.57 23.65
CA GLY C 147 -10.91 6.57 23.09
C GLY C 147 -11.11 7.58 21.97
N LYS C 148 -10.15 8.48 21.75
CA LYS C 148 -10.32 9.49 20.68
C LYS C 148 -9.83 8.92 19.35
N VAL C 149 -10.42 9.40 18.26
CA VAL C 149 -10.01 8.97 16.89
C VAL C 149 -9.84 10.21 16.02
N ARG C 150 -8.62 10.41 15.50
CA ARG C 150 -8.32 11.55 14.60
C ARG C 150 -8.16 10.97 13.18
N PRO C 151 -8.18 11.82 12.13
CA PRO C 151 -8.21 11.33 10.75
C PRO C 151 -6.94 10.74 10.14
N ALA C 152 -5.76 11.02 10.68
CA ALA C 152 -4.48 10.44 10.16
C ALA C 152 -4.11 9.25 11.04
N ARG C 153 -4.00 8.06 10.43
CA ARG C 153 -3.77 6.82 11.21
C ARG C 153 -2.31 6.42 11.16
N MSE C 154 -1.73 6.23 12.35
CA MSE C 154 -0.34 5.84 12.50
C MSE C 154 -0.22 4.33 12.40
O MSE C 154 0.72 3.81 11.80
CB MSE C 154 0.21 6.39 13.82
CG MSE C 154 0.13 7.90 13.94
SE MSE C 154 0.49 8.49 15.77
CE MSE C 154 2.08 7.48 16.28
N GLY C 155 -1.16 3.61 13.03
CA GLY C 155 -1.15 2.16 12.99
C GLY C 155 -1.88 1.53 14.17
N ASP C 156 -1.93 0.19 14.19
CA ASP C 156 -2.59 -0.58 15.27
C ASP C 156 -1.81 -0.40 16.60
N LEU C 157 -2.49 -0.50 17.74
CA LEU C 157 -1.79 -0.35 19.04
C LEU C 157 -0.75 -1.47 19.23
N LYS C 158 -0.91 -2.62 18.56
CA LYS C 158 0.05 -3.75 18.70
C LYS C 158 1.42 -3.37 18.12
N ARG C 159 1.49 -2.25 17.38
CA ARG C 159 2.79 -1.77 16.83
C ARG C 159 3.66 -1.24 17.98
N PHE C 160 3.05 -0.94 19.13
CA PHE C 160 3.82 -0.36 20.27
C PHE C 160 4.15 -1.44 21.30
N ASP C 161 5.36 -1.38 21.84
CA ASP C 161 5.84 -2.34 22.86
C ASP C 161 5.38 -1.88 24.23
N ILE C 162 5.37 -0.56 24.43
CA ILE C 162 5.00 0.06 25.73
C ILE C 162 4.09 1.25 25.46
N VAL C 163 3.07 1.41 26.29
CA VAL C 163 2.22 2.63 26.25
C VAL C 163 2.39 3.26 27.63
N VAL C 164 2.88 4.51 27.66
CA VAL C 164 3.12 5.23 28.95
C VAL C 164 2.04 6.30 29.12
N SER C 165 1.45 6.39 30.31
CA SER C 165 0.41 7.42 30.58
C SER C 165 0.57 7.98 32.00
N ASP C 166 -0.28 8.92 32.36
CA ASP C 166 -0.20 9.59 33.70
C ASP C 166 -1.02 8.83 34.75
N CYS C 167 -1.85 7.86 34.32
CA CYS C 167 -2.66 7.07 35.27
C CYS C 167 -3.11 5.77 34.60
N CYS C 168 -3.64 4.84 35.40
CA CYS C 168 -4.16 3.57 34.84
C CYS C 168 -5.33 3.88 33.92
N PRO C 169 -5.31 3.41 32.64
CA PRO C 169 -6.42 3.65 31.72
C PRO C 169 -7.62 2.70 31.99
N GLU C 170 -8.71 2.89 31.25
CA GLU C 170 -9.95 2.10 31.39
C GLU C 170 -9.65 0.61 31.17
N ASP C 171 -10.50 -0.26 31.73
CA ASP C 171 -10.27 -1.74 31.68
C ASP C 171 -10.14 -2.26 30.25
N GLU C 172 -10.88 -1.69 29.28
CA GLU C 172 -10.79 -2.23 27.90
C GLU C 172 -9.36 -2.10 27.37
N TYR C 173 -8.59 -1.10 27.82
CA TYR C 173 -7.19 -0.92 27.35
C TYR C 173 -6.29 -1.90 28.12
N VAL C 174 -6.59 -2.12 29.40
CA VAL C 174 -5.81 -3.09 30.23
C VAL C 174 -5.99 -4.49 29.60
N LYS C 175 -7.22 -4.85 29.24
CA LYS C 175 -7.48 -6.18 28.61
C LYS C 175 -6.79 -6.28 27.24
N TYR C 176 -6.96 -5.27 26.37
CA TYR C 176 -6.32 -5.33 25.03
C TYR C 176 -4.81 -5.49 25.18
N ALA C 177 -4.21 -4.72 26.10
CA ALA C 177 -2.75 -4.76 26.34
C ALA C 177 -2.32 -6.16 26.80
N GLN C 178 -3.06 -6.75 27.74
CA GLN C 178 -2.72 -8.11 28.25
C GLN C 178 -2.73 -9.11 27.09
N THR C 179 -3.78 -9.09 26.28
CA THR C 179 -3.95 -10.03 25.13
C THR C 179 -2.90 -9.79 24.06
N GLN C 180 -2.47 -8.54 23.85
CA GLN C 180 -1.51 -8.21 22.76
C GLN C 180 -0.07 -8.16 23.26
N ARG C 181 0.15 -8.34 24.57
CA ARG C 181 1.51 -8.33 25.17
C ARG C 181 2.11 -6.91 25.08
N ILE C 182 1.26 -5.88 25.19
CA ILE C 182 1.69 -4.46 25.23
C ILE C 182 1.90 -4.11 26.71
N LYS C 183 3.08 -3.60 27.08
CA LYS C 183 3.31 -3.22 28.50
C LYS C 183 2.68 -1.84 28.74
N LEU C 184 1.96 -1.69 29.86
CA LEU C 184 1.36 -0.37 30.23
C LEU C 184 2.17 0.17 31.41
N MSE C 185 2.67 1.39 31.26
CA MSE C 185 3.44 2.06 32.29
C MSE C 185 2.68 3.31 32.73
O MSE C 185 2.31 4.12 31.90
CB MSE C 185 4.81 2.48 31.75
CG MSE C 185 5.82 1.37 31.68
SE MSE C 185 7.52 2.11 31.09
CE MSE C 185 8.46 2.85 32.66
N TYR C 186 2.46 3.44 34.04
CA TYR C 186 1.75 4.59 34.58
C TYR C 186 2.01 4.68 36.08
N SER D 7 -28.69 6.17 -14.91
CA SER D 7 -29.73 6.27 -16.00
C SER D 7 -31.13 6.38 -15.38
N ARG D 8 -31.54 5.40 -14.57
CA ARG D 8 -32.89 5.39 -13.97
C ARG D 8 -32.81 5.84 -12.50
N LEU D 9 -33.79 6.65 -12.05
CA LEU D 9 -33.94 7.20 -10.67
C LEU D 9 -32.89 8.29 -10.38
N VAL D 10 -32.44 9.02 -11.41
CA VAL D 10 -31.44 10.11 -11.18
C VAL D 10 -32.03 11.14 -10.21
N GLU D 11 -33.30 11.52 -10.42
CA GLU D 11 -34.02 12.49 -9.54
C GLU D 11 -33.98 12.02 -8.08
N GLU D 12 -34.26 10.73 -7.86
CA GLU D 12 -34.27 10.13 -6.49
C GLU D 12 -32.83 10.12 -5.95
N LYS D 13 -31.86 9.70 -6.77
CA LYS D 13 -30.44 9.67 -6.35
C LYS D 13 -29.99 11.10 -5.98
N ARG D 14 -30.47 12.10 -6.74
CA ARG D 14 -30.15 13.53 -6.49
C ARG D 14 -30.68 13.95 -5.11
N ARG D 15 -31.91 13.57 -4.78
CA ARG D 15 -32.46 13.96 -3.46
C ARG D 15 -31.69 13.25 -2.35
N ALA D 16 -31.45 11.95 -2.49
CA ALA D 16 -30.68 11.23 -1.44
C ALA D 16 -29.31 11.90 -1.26
N ALA D 17 -28.65 12.26 -2.37
CA ALA D 17 -27.32 12.93 -2.34
C ALA D 17 -27.43 14.28 -1.64
N LYS D 18 -28.46 15.06 -1.97
CA LYS D 18 -28.71 16.39 -1.34
C LYS D 18 -28.76 16.23 0.18
N LEU D 19 -29.57 15.29 0.67
CA LEU D 19 -29.70 15.06 2.13
C LEU D 19 -28.35 14.59 2.71
N ALA D 20 -27.68 13.63 2.05
CA ALA D 20 -26.40 13.11 2.57
C ALA D 20 -25.35 14.24 2.69
N ALA D 21 -25.29 15.15 1.72
CA ALA D 21 -24.30 16.25 1.72
C ALA D 21 -24.49 17.19 2.92
N THR D 22 -25.69 17.29 3.50
CA THR D 22 -25.92 18.17 4.68
C THR D 22 -25.13 17.67 5.90
N LEU D 23 -24.68 16.41 5.89
CA LEU D 23 -23.91 15.85 7.04
C LEU D 23 -22.45 16.34 7.01
N VAL D 24 -21.96 16.85 5.88
CA VAL D 24 -20.54 17.28 5.74
C VAL D 24 -20.25 18.57 6.51
N GLU D 25 -19.16 18.56 7.28
CA GLU D 25 -18.70 19.76 8.05
C GLU D 25 -17.28 20.11 7.59
N PRO D 26 -16.84 21.38 7.75
CA PRO D 26 -15.51 21.79 7.32
C PRO D 26 -14.32 20.98 7.87
N ASP D 27 -13.32 20.75 7.01
CA ASP D 27 -12.03 20.09 7.34
C ASP D 27 -12.23 18.61 7.71
N GLN D 28 -13.39 18.03 7.44
CA GLN D 28 -13.56 16.58 7.72
C GLN D 28 -12.84 15.77 6.65
N THR D 29 -12.48 14.53 7.00
CA THR D 29 -11.92 13.52 6.07
C THR D 29 -13.09 12.61 5.70
N LEU D 30 -13.40 12.50 4.41
CA LEU D 30 -14.58 11.72 3.96
C LEU D 30 -14.17 10.58 3.03
N PHE D 31 -14.83 9.43 3.20
CA PHE D 31 -14.65 8.30 2.26
C PHE D 31 -15.90 8.26 1.35
N PHE D 32 -15.69 8.08 0.05
CA PHE D 32 -16.80 7.96 -0.93
C PHE D 32 -16.69 6.62 -1.64
N ASP D 33 -17.77 5.85 -1.58
CA ASP D 33 -17.84 4.51 -2.21
C ASP D 33 -17.95 4.67 -3.73
N CYS D 34 -17.98 3.56 -4.44
CA CYS D 34 -18.08 3.57 -5.93
C CYS D 34 -19.56 3.67 -6.34
N GLY D 35 -19.83 3.68 -7.65
CA GLY D 35 -21.24 3.73 -8.09
C GLY D 35 -21.64 5.11 -8.61
N THR D 36 -22.90 5.25 -9.02
CA THR D 36 -23.44 6.49 -9.63
C THR D 36 -24.24 7.33 -8.62
N THR D 37 -24.34 6.89 -7.36
CA THR D 37 -25.06 7.72 -6.36
C THR D 37 -24.05 8.67 -5.69
N THR D 38 -22.92 8.13 -5.21
CA THR D 38 -21.92 8.93 -4.45
C THR D 38 -21.41 10.15 -5.23
N PRO D 39 -21.14 10.12 -6.57
CA PRO D 39 -20.69 11.34 -7.25
C PRO D 39 -21.66 12.52 -7.06
N TRP D 40 -22.95 12.23 -6.92
CA TRP D 40 -23.98 13.29 -6.71
C TRP D 40 -23.80 13.89 -5.31
N ILE D 41 -23.37 13.10 -4.33
CA ILE D 41 -23.09 13.64 -2.97
C ILE D 41 -21.97 14.68 -3.10
N ILE D 42 -20.89 14.28 -3.76
CA ILE D 42 -19.72 15.19 -3.97
C ILE D 42 -20.18 16.48 -4.66
N GLU D 43 -21.03 16.36 -5.69
CA GLU D 43 -21.50 17.57 -6.42
C GLU D 43 -22.36 18.45 -5.50
N ALA D 44 -23.15 17.86 -4.59
CA ALA D 44 -24.07 18.58 -3.67
C ALA D 44 -23.32 19.30 -2.54
N ILE D 45 -22.09 18.87 -2.20
CA ILE D 45 -21.32 19.52 -1.11
C ILE D 45 -21.03 20.99 -1.47
N ASP D 46 -21.23 21.86 -0.48
CA ASP D 46 -20.93 23.31 -0.59
C ASP D 46 -19.57 23.49 -1.26
N ASN D 47 -19.53 24.17 -2.40
CA ASN D 47 -18.29 24.32 -3.21
C ASN D 47 -17.24 25.14 -2.45
N GLU D 48 -17.62 25.82 -1.36
CA GLU D 48 -16.66 26.66 -0.57
C GLU D 48 -16.12 25.90 0.64
N ILE D 49 -16.70 24.76 1.00
CA ILE D 49 -16.27 23.99 2.22
C ILE D 49 -15.00 23.19 1.91
N PRO D 50 -13.90 23.39 2.68
CA PRO D 50 -12.69 22.61 2.48
C PRO D 50 -12.87 21.22 3.11
N PHE D 51 -12.39 20.17 2.42
CA PHE D 51 -12.48 18.81 3.00
C PHE D 51 -11.42 17.93 2.35
N THR D 52 -11.13 16.81 3.00
CA THR D 52 -10.16 15.80 2.50
C THR D 52 -11.00 14.58 2.10
N ALA D 53 -10.76 14.02 0.93
CA ALA D 53 -11.58 12.87 0.50
C ALA D 53 -10.71 11.72 0.02
N VAL D 54 -11.17 10.49 0.28
N VAL D 54 -11.16 10.49 0.29
CA VAL D 54 -10.50 9.23 -0.13
CA VAL D 54 -10.45 9.27 -0.20
C VAL D 54 -11.52 8.43 -0.95
C VAL D 54 -11.50 8.43 -0.94
N CYS D 55 -11.10 7.84 -2.06
CA CYS D 55 -12.03 7.05 -2.90
C CYS D 55 -11.21 5.94 -3.57
N TYR D 56 -11.88 5.10 -4.35
CA TYR D 56 -11.19 3.96 -5.00
C TYR D 56 -11.78 3.69 -6.37
N SER D 57 -12.44 4.69 -6.96
CA SER D 57 -13.05 4.50 -8.30
C SER D 57 -12.87 5.78 -9.15
N LEU D 58 -12.81 5.59 -10.46
CA LEU D 58 -12.49 6.68 -11.41
C LEU D 58 -13.55 7.77 -11.42
N ASN D 59 -14.83 7.42 -11.55
CA ASN D 59 -15.87 8.48 -11.64
C ASN D 59 -15.93 9.25 -10.32
N THR D 60 -15.76 8.57 -9.19
CA THR D 60 -15.77 9.24 -7.86
C THR D 60 -14.60 10.21 -7.81
N PHE D 61 -13.42 9.74 -8.22
CA PHE D 61 -12.24 10.62 -8.21
C PHE D 61 -12.47 11.85 -9.12
N LEU D 62 -12.98 11.64 -10.33
CA LEU D 62 -13.16 12.77 -11.27
C LEU D 62 -14.11 13.82 -10.66
N ALA D 63 -15.11 13.38 -9.88
CA ALA D 63 -16.04 14.33 -9.22
C ALA D 63 -15.27 15.11 -8.14
N LEU D 64 -14.40 14.44 -7.38
CA LEU D 64 -13.60 15.14 -6.33
C LEU D 64 -12.66 16.17 -6.99
N LYS D 65 -12.09 15.80 -8.13
CA LYS D 65 -11.14 16.69 -8.85
C LYS D 65 -11.80 18.03 -9.21
N GLU D 66 -13.12 18.04 -9.42
CA GLU D 66 -13.88 19.27 -9.81
C GLU D 66 -14.18 20.15 -8.59
N LYS D 67 -13.90 19.67 -7.37
CA LYS D 67 -14.17 20.48 -6.15
C LYS D 67 -12.90 21.27 -5.82
N PRO D 68 -12.93 22.61 -6.01
CA PRO D 68 -11.75 23.45 -5.77
C PRO D 68 -11.11 23.34 -4.38
N HIS D 69 -11.89 23.03 -3.34
CA HIS D 69 -11.35 23.00 -1.96
C HIS D 69 -11.26 21.58 -1.43
N CYS D 70 -11.23 20.59 -2.32
CA CYS D 70 -11.10 19.18 -1.87
C CYS D 70 -9.67 18.69 -2.06
N ARG D 71 -9.07 18.19 -0.98
CA ARG D 71 -7.76 17.50 -1.05
C ARG D 71 -8.12 16.04 -1.33
N ALA D 72 -7.84 15.57 -2.56
CA ALA D 72 -8.31 14.25 -3.02
C ALA D 72 -7.21 13.18 -3.00
N PHE D 73 -7.58 12.02 -2.47
CA PHE D 73 -6.71 10.82 -2.42
C PHE D 73 -7.41 9.69 -3.17
N LEU D 74 -6.64 8.95 -3.98
CA LEU D 74 -7.20 7.79 -4.71
C LEU D 74 -6.49 6.53 -4.22
N CYS D 75 -7.27 5.53 -3.81
CA CYS D 75 -6.77 4.18 -3.44
C CYS D 75 -6.41 3.49 -4.76
N GLY D 76 -5.15 3.10 -4.94
CA GLY D 76 -4.70 2.49 -6.21
C GLY D 76 -4.86 0.98 -6.22
N GLY D 77 -4.34 0.34 -7.24
CA GLY D 77 -4.41 -1.12 -7.40
C GLY D 77 -4.77 -1.49 -8.82
N GLU D 78 -5.36 -2.68 -8.98
CA GLU D 78 -5.73 -3.18 -10.33
C GLU D 78 -7.05 -2.55 -10.76
N PHE D 79 -7.11 -2.05 -11.99
CA PHE D 79 -8.36 -1.43 -12.47
C PHE D 79 -9.35 -2.52 -12.92
N HIS D 80 -10.59 -2.41 -12.43
CA HIS D 80 -11.71 -3.30 -12.83
C HIS D 80 -12.76 -2.43 -13.53
N ALA D 81 -13.17 -2.80 -14.75
CA ALA D 81 -14.13 -2.00 -15.54
C ALA D 81 -15.45 -1.76 -14.79
N SER D 82 -16.00 -2.79 -14.13
CA SER D 82 -17.31 -2.63 -13.44
C SER D 82 -17.18 -1.62 -12.30
N ASN D 83 -17.91 -0.50 -12.39
CA ASN D 83 -17.88 0.61 -11.40
C ASN D 83 -16.51 1.30 -11.47
N ALA D 84 -15.71 0.97 -12.49
CA ALA D 84 -14.39 1.62 -12.72
C ALA D 84 -13.61 1.71 -11.39
N ILE D 85 -13.43 0.59 -10.71
CA ILE D 85 -12.72 0.61 -9.40
C ILE D 85 -11.26 0.22 -9.53
N PHE D 86 -10.52 0.49 -8.45
CA PHE D 86 -9.12 0.07 -8.26
C PHE D 86 -9.12 -0.88 -7.07
N LYS D 87 -8.64 -2.10 -7.27
CA LYS D 87 -8.60 -3.12 -6.19
CA LYS D 87 -8.60 -3.12 -6.17
C LYS D 87 -7.15 -3.33 -5.75
N PRO D 88 -6.79 -3.00 -4.49
CA PRO D 88 -5.43 -3.22 -4.02
C PRO D 88 -5.06 -4.71 -4.11
N ILE D 89 -3.80 -5.00 -4.44
CA ILE D 89 -3.32 -6.41 -4.51
C ILE D 89 -3.54 -7.09 -3.15
N ASP D 90 -3.13 -6.47 -2.05
CA ASP D 90 -3.35 -7.03 -0.69
C ASP D 90 -3.36 -5.92 0.38
N PHE D 91 -2.20 -5.53 0.93
CA PHE D 91 -2.14 -4.42 1.92
C PHE D 91 -2.78 -3.16 1.32
N GLN D 92 -3.73 -2.55 2.04
CA GLN D 92 -4.38 -1.28 1.59
C GLN D 92 -3.56 -0.15 2.16
N GLN D 93 -2.43 0.15 1.50
CA GLN D 93 -1.47 1.14 2.02
C GLN D 93 -2.12 2.53 2.13
N THR D 94 -2.60 3.08 1.01
CA THR D 94 -3.20 4.43 1.06
C THR D 94 -4.29 4.48 2.14
N LEU D 95 -5.26 3.57 2.09
CA LEU D 95 -6.40 3.58 3.04
C LEU D 95 -5.95 3.34 4.49
N ASN D 96 -4.87 2.57 4.73
CA ASN D 96 -4.44 2.31 6.14
C ASN D 96 -3.97 3.61 6.82
N ASN D 97 -3.87 4.71 6.07
CA ASN D 97 -3.42 6.02 6.64
C ASN D 97 -4.62 6.84 7.12
N PHE D 98 -5.85 6.32 6.97
CA PHE D 98 -7.04 7.14 7.29
C PHE D 98 -8.05 6.47 8.23
N CYS D 99 -8.70 7.34 9.01
CA CYS D 99 -9.88 7.03 9.86
C CYS D 99 -10.89 8.12 9.53
N PRO D 100 -11.57 8.03 8.38
CA PRO D 100 -12.47 9.09 7.94
C PRO D 100 -13.55 9.45 8.98
N ASP D 101 -13.90 10.74 9.00
CA ASP D 101 -14.97 11.24 9.89
C ASP D 101 -16.30 10.64 9.45
N ILE D 102 -16.50 10.52 8.13
CA ILE D 102 -17.77 9.97 7.55
C ILE D 102 -17.41 9.12 6.34
N ALA D 103 -18.04 7.96 6.25
CA ALA D 103 -17.95 7.08 5.07
C ALA D 103 -19.33 7.06 4.43
N PHE D 104 -19.41 7.38 3.15
CA PHE D 104 -20.64 7.35 2.34
C PHE D 104 -20.61 6.08 1.50
N TYR D 105 -21.53 5.16 1.78
CA TYR D 105 -21.57 3.85 1.08
C TYR D 105 -22.67 3.78 0.04
N SER D 106 -22.46 2.85 -0.89
CA SER D 106 -23.42 2.50 -1.96
C SER D 106 -23.79 1.04 -1.74
N ALA D 107 -24.98 0.64 -2.19
CA ALA D 107 -25.39 -0.77 -2.08
C ALA D 107 -26.43 -1.05 -3.17
N ALA D 108 -26.39 -2.24 -3.75
CA ALA D 108 -27.39 -2.68 -4.74
C ALA D 108 -28.62 -3.24 -4.02
N GLY D 109 -28.46 -3.66 -2.77
CA GLY D 109 -29.60 -4.23 -2.01
C GLY D 109 -29.52 -3.91 -0.53
N VAL D 110 -30.69 -3.68 0.08
CA VAL D 110 -30.81 -3.37 1.53
C VAL D 110 -31.90 -4.33 2.05
N HIS D 111 -31.50 -5.32 2.83
CA HIS D 111 -32.42 -6.39 3.31
C HIS D 111 -32.27 -6.52 4.83
N VAL D 112 -33.39 -6.60 5.54
CA VAL D 112 -33.34 -6.66 7.04
C VAL D 112 -32.47 -7.83 7.53
N SER D 113 -32.65 -9.04 6.98
CA SER D 113 -31.89 -10.18 7.55
C SER D 113 -30.58 -10.47 6.82
N LYS D 114 -30.51 -10.26 5.51
CA LYS D 114 -29.26 -10.58 4.75
CA LYS D 114 -29.28 -10.58 4.72
C LYS D 114 -28.32 -9.38 4.74
N GLY D 115 -28.83 -8.17 4.98
CA GLY D 115 -27.98 -6.97 5.08
C GLY D 115 -27.83 -6.20 3.78
N ALA D 116 -26.72 -5.43 3.70
CA ALA D 116 -26.40 -4.62 2.52
C ALA D 116 -25.57 -5.47 1.55
N THR D 117 -25.97 -5.48 0.28
CA THR D 117 -25.25 -6.28 -0.73
C THR D 117 -24.93 -5.43 -1.95
N CYS D 118 -23.98 -5.93 -2.74
CA CYS D 118 -23.57 -5.26 -4.01
C CYS D 118 -23.37 -6.39 -5.03
N PHE D 119 -23.05 -6.04 -6.28
CA PHE D 119 -22.93 -7.08 -7.32
C PHE D 119 -21.54 -7.72 -7.38
N ASN D 120 -20.51 -6.95 -7.05
CA ASN D 120 -19.10 -7.38 -7.30
C ASN D 120 -18.32 -7.67 -6.01
N LEU D 121 -17.69 -8.84 -5.96
CA LEU D 121 -16.82 -9.22 -4.82
C LEU D 121 -15.59 -8.30 -4.75
N GLU D 122 -15.13 -7.78 -5.90
CA GLU D 122 -13.88 -6.97 -5.93
C GLU D 122 -14.01 -5.68 -5.11
N GLU D 123 -15.23 -5.25 -4.80
CA GLU D 123 -15.47 -3.99 -4.03
C GLU D 123 -15.49 -4.26 -2.53
N LEU D 124 -15.59 -5.53 -2.11
CA LEU D 124 -15.74 -5.83 -0.66
C LEU D 124 -14.52 -5.43 0.18
N PRO D 125 -13.27 -5.66 -0.26
CA PRO D 125 -12.11 -5.29 0.57
C PRO D 125 -12.14 -3.81 0.99
N VAL D 126 -12.46 -2.90 0.08
CA VAL D 126 -12.44 -1.45 0.42
C VAL D 126 -13.70 -1.10 1.21
N LYS D 127 -14.85 -1.68 0.83
CA LYS D 127 -16.08 -1.41 1.63
C LYS D 127 -15.87 -1.92 3.06
N HIS D 128 -15.31 -3.12 3.23
CA HIS D 128 -15.08 -3.68 4.60
C HIS D 128 -14.06 -2.81 5.36
N TRP D 129 -13.06 -2.30 4.65
CA TRP D 129 -12.06 -1.41 5.30
C TRP D 129 -12.78 -0.17 5.87
N ALA D 130 -13.59 0.48 5.04
CA ALA D 130 -14.32 1.71 5.48
C ALA D 130 -15.20 1.39 6.70
N MSE D 131 -15.87 0.23 6.64
CA MSE D 131 -16.78 -0.15 7.72
C MSE D 131 -16.03 -0.35 9.04
O MSE D 131 -16.60 -0.17 10.10
CB MSE D 131 -17.60 -1.37 7.30
CG MSE D 131 -18.58 -1.05 6.17
SE MSE D 131 -19.32 -2.68 5.36
CE MSE D 131 -20.57 -3.26 6.72
N SER D 132 -14.73 -0.68 8.96
CA SER D 132 -13.97 -0.89 10.19
C SER D 132 -13.22 0.36 10.65
N MSE D 133 -12.94 1.32 9.75
CA MSE D 133 -12.06 2.44 10.09
C MSE D 133 -12.73 3.81 10.10
O MSE D 133 -12.17 4.73 10.70
CB MSE D 133 -10.88 2.45 9.10
CG MSE D 133 -9.92 1.31 9.29
SE MSE D 133 -8.92 1.47 10.98
CE MSE D 133 -8.28 -0.32 11.41
N ALA D 134 -13.86 3.97 9.41
CA ALA D 134 -14.54 5.26 9.43
C ALA D 134 -15.25 5.45 10.79
N GLN D 135 -15.50 6.70 11.17
CA GLN D 135 -16.08 7.05 12.50
C GLN D 135 -17.61 7.17 12.43
N LYS D 136 -18.16 7.38 11.24
CA LYS D 136 -19.64 7.47 11.04
C LYS D 136 -19.95 6.81 9.70
N HIS D 137 -20.95 5.91 9.67
CA HIS D 137 -21.28 5.10 8.46
C HIS D 137 -22.65 5.49 7.91
N VAL D 138 -22.66 6.01 6.67
CA VAL D 138 -23.88 6.56 6.03
C VAL D 138 -24.12 5.83 4.71
N LEU D 139 -25.16 5.00 4.68
CA LEU D 139 -25.53 4.26 3.45
C LEU D 139 -26.50 5.15 2.65
N VAL D 140 -26.15 5.46 1.40
CA VAL D 140 -27.00 6.37 0.58
C VAL D 140 -27.59 5.54 -0.56
N VAL D 141 -28.89 5.24 -0.46
CA VAL D 141 -29.59 4.34 -1.43
C VAL D 141 -30.94 4.91 -1.83
N ASP D 142 -31.32 4.74 -3.10
CA ASP D 142 -32.67 5.17 -3.57
C ASP D 142 -33.69 4.12 -3.10
N HIS D 143 -34.98 4.47 -3.15
CA HIS D 143 -36.06 3.58 -2.62
C HIS D 143 -36.07 2.19 -3.28
N SER D 144 -35.51 2.03 -4.48
CA SER D 144 -35.58 0.73 -5.21
C SER D 144 -34.65 -0.33 -4.59
N LYS D 145 -33.65 0.07 -3.80
CA LYS D 145 -32.67 -0.91 -3.25
C LYS D 145 -33.30 -1.75 -2.12
N PHE D 146 -34.32 -1.22 -1.44
CA PHE D 146 -34.94 -1.91 -0.29
C PHE D 146 -35.60 -3.23 -0.71
N GLY D 147 -35.23 -4.32 0.00
CA GLY D 147 -35.79 -5.66 -0.23
C GLY D 147 -34.98 -6.45 -1.24
N LYS D 148 -34.06 -5.80 -1.94
CA LYS D 148 -33.24 -6.52 -2.94
C LYS D 148 -32.04 -7.19 -2.27
N VAL D 149 -31.60 -8.28 -2.86
CA VAL D 149 -30.43 -9.05 -2.37
C VAL D 149 -29.55 -9.38 -3.59
N ARG D 150 -28.31 -8.92 -3.57
CA ARG D 150 -27.31 -9.22 -4.64
C ARG D 150 -26.27 -10.16 -4.06
N PRO D 151 -25.43 -10.81 -4.90
CA PRO D 151 -24.52 -11.86 -4.43
C PRO D 151 -23.31 -11.53 -3.56
N ALA D 152 -22.85 -10.27 -3.55
CA ALA D 152 -21.66 -9.90 -2.75
C ALA D 152 -22.14 -9.19 -1.49
N ARG D 153 -21.82 -9.73 -0.31
CA ARG D 153 -22.37 -9.17 0.94
C ARG D 153 -21.39 -8.21 1.62
N MSE D 154 -21.87 -6.99 1.86
CA MSE D 154 -21.10 -5.94 2.50
C MSE D 154 -21.17 -6.13 4.02
O MSE D 154 -20.14 -6.09 4.69
CB MSE D 154 -21.63 -4.57 2.08
CG MSE D 154 -21.54 -4.32 0.58
SE MSE D 154 -22.50 -2.71 0.05
CE MSE D 154 -21.87 -1.41 1.36
N GLY D 155 -22.37 -6.36 4.55
CA GLY D 155 -22.51 -6.56 5.98
C GLY D 155 -23.93 -6.35 6.48
N ASP D 156 -24.13 -6.50 7.80
CA ASP D 156 -25.45 -6.35 8.44
C ASP D 156 -25.84 -4.86 8.44
N LEU D 157 -27.14 -4.56 8.33
CA LEU D 157 -27.57 -3.13 8.32
C LEU D 157 -27.17 -2.43 9.63
N LYS D 158 -26.98 -3.16 10.73
CA LYS D 158 -26.61 -2.49 12.02
C LYS D 158 -25.20 -1.91 11.92
N ARG D 159 -24.48 -2.14 10.81
CA ARG D 159 -23.11 -1.59 10.61
C ARG D 159 -23.19 -0.11 10.23
N PHE D 160 -24.38 0.36 9.83
CA PHE D 160 -24.57 1.76 9.37
C PHE D 160 -25.25 2.57 10.47
N ASP D 161 -24.84 3.83 10.60
CA ASP D 161 -25.37 4.76 11.63
C ASP D 161 -26.56 5.50 11.05
N ILE D 162 -26.52 5.72 9.73
CA ILE D 162 -27.59 6.47 9.01
C ILE D 162 -27.85 5.81 7.66
N VAL D 163 -29.13 5.70 7.30
CA VAL D 163 -29.53 5.23 5.95
C VAL D 163 -30.28 6.40 5.31
N VAL D 164 -29.78 6.88 4.18
CA VAL D 164 -30.35 8.04 3.46
C VAL D 164 -31.04 7.55 2.18
N SER D 165 -32.27 7.99 1.96
CA SER D 165 -33.05 7.60 0.75
C SER D 165 -33.83 8.82 0.26
N ASP D 166 -34.51 8.69 -0.89
CA ASP D 166 -35.26 9.82 -1.50
C ASP D 166 -36.64 9.97 -0.84
N CYS D 167 -37.16 8.88 -0.29
CA CYS D 167 -38.50 8.90 0.36
C CYS D 167 -38.53 7.87 1.49
N CYS D 168 -39.53 7.95 2.37
CA CYS D 168 -39.63 7.01 3.51
C CYS D 168 -39.80 5.59 2.98
N PRO D 169 -38.97 4.63 3.45
CA PRO D 169 -39.09 3.25 3.01
C PRO D 169 -40.34 2.60 3.64
N GLU D 170 -40.63 1.36 3.24
CA GLU D 170 -41.80 0.61 3.76
C GLU D 170 -41.70 0.51 5.28
N ASP D 171 -42.83 0.27 5.97
CA ASP D 171 -42.88 0.26 7.45
C ASP D 171 -41.90 -0.77 8.02
N GLU D 172 -41.68 -1.88 7.31
CA GLU D 172 -40.73 -2.93 7.76
C GLU D 172 -39.37 -2.31 8.13
N TYR D 173 -38.87 -1.41 7.29
CA TYR D 173 -37.53 -0.77 7.49
C TYR D 173 -37.63 0.34 8.53
N VAL D 174 -38.76 1.05 8.59
CA VAL D 174 -38.94 2.12 9.61
C VAL D 174 -38.84 1.45 10.99
N LYS D 175 -39.59 0.36 11.18
CA LYS D 175 -39.62 -0.36 12.49
C LYS D 175 -38.23 -0.92 12.81
N TYR D 176 -37.59 -1.52 11.81
CA TYR D 176 -36.24 -2.11 12.01
C TYR D 176 -35.25 -1.02 12.43
N ALA D 177 -35.23 0.10 11.71
CA ALA D 177 -34.31 1.23 12.01
C ALA D 177 -34.59 1.77 13.42
N GLN D 178 -35.86 1.90 13.79
CA GLN D 178 -36.23 2.43 15.13
C GLN D 178 -35.67 1.49 16.20
N THR D 179 -35.86 0.18 16.01
CA THR D 179 -35.37 -0.85 16.98
C THR D 179 -33.84 -0.88 17.05
N GLN D 180 -33.15 -0.75 15.91
CA GLN D 180 -31.67 -0.86 15.88
C GLN D 180 -30.98 0.50 16.14
N ARG D 181 -31.74 1.58 16.33
CA ARG D 181 -31.17 2.92 16.62
C ARG D 181 -30.45 3.45 15.36
N ILE D 182 -30.90 3.02 14.18
CA ILE D 182 -30.33 3.49 12.87
C ILE D 182 -31.18 4.68 12.43
N LYS D 183 -30.57 5.85 12.19
CA LYS D 183 -31.31 7.06 11.76
C LYS D 183 -31.67 6.93 10.27
N LEU D 184 -32.96 7.14 9.95
CA LEU D 184 -33.43 7.12 8.54
C LEU D 184 -33.61 8.56 8.10
N MSE D 185 -33.00 8.91 6.98
CA MSE D 185 -33.07 10.26 6.46
C MSE D 185 -33.69 10.18 5.07
O MSE D 185 -33.20 9.42 4.23
CB MSE D 185 -31.66 10.82 6.43
CG MSE D 185 -31.56 12.29 6.28
SE MSE D 185 -29.66 12.73 6.39
CE MSE D 185 -29.06 12.01 8.10
N TYR D 186 -34.77 10.94 4.84
CA TYR D 186 -35.45 10.94 3.56
C TYR D 186 -36.21 12.25 3.35
N LEU E 9 30.47 44.65 10.44
CA LEU E 9 30.24 45.12 9.04
C LEU E 9 28.80 44.81 8.61
N VAL E 10 27.84 44.93 9.54
CA VAL E 10 26.40 44.63 9.27
C VAL E 10 25.91 45.48 8.09
N GLU E 11 26.18 46.78 8.10
CA GLU E 11 25.70 47.70 7.02
C GLU E 11 26.28 47.24 5.67
N GLU E 12 27.58 46.91 5.63
CA GLU E 12 28.23 46.43 4.38
C GLU E 12 27.61 45.11 3.93
N LYS E 13 27.43 44.15 4.86
CA LYS E 13 26.81 42.84 4.52
C LYS E 13 25.39 43.03 3.99
N ARG E 14 24.60 43.92 4.60
CA ARG E 14 23.21 44.16 4.12
C ARG E 14 23.25 44.80 2.72
N ARG E 15 24.19 45.71 2.50
CA ARG E 15 24.36 46.37 1.17
C ARG E 15 24.56 45.30 0.10
N ALA E 16 25.57 44.45 0.30
CA ALA E 16 25.91 43.34 -0.62
C ALA E 16 24.72 42.38 -0.75
N ALA E 17 24.12 42.01 0.39
CA ALA E 17 22.98 41.07 0.42
C ALA E 17 21.79 41.65 -0.36
N LYS E 18 21.51 42.94 -0.19
CA LYS E 18 20.38 43.59 -0.89
C LYS E 18 20.62 43.54 -2.40
N LEU E 19 21.87 43.79 -2.82
CA LEU E 19 22.19 43.74 -4.27
C LEU E 19 22.03 42.30 -4.78
N ALA E 20 22.51 41.30 -4.02
CA ALA E 20 22.37 39.89 -4.41
C ALA E 20 20.89 39.51 -4.55
N ALA E 21 20.01 40.03 -3.68
CA ALA E 21 18.56 39.71 -3.70
C ALA E 21 17.87 40.16 -5.00
N THR E 22 18.43 41.14 -5.72
CA THR E 22 17.80 41.62 -6.99
C THR E 22 17.88 40.52 -8.07
N LEU E 23 18.66 39.47 -7.86
CA LEU E 23 18.82 38.40 -8.87
C LEU E 23 17.67 37.39 -8.79
N VAL E 24 16.92 37.40 -7.68
CA VAL E 24 15.84 36.39 -7.42
C VAL E 24 14.60 36.69 -8.29
N GLU E 25 14.14 35.68 -9.02
CA GLU E 25 12.93 35.77 -9.88
C GLU E 25 11.84 34.89 -9.27
N PRO E 26 10.54 35.23 -9.40
CA PRO E 26 9.48 34.40 -8.83
C PRO E 26 9.55 32.93 -9.27
N ASP E 27 9.27 32.02 -8.33
CA ASP E 27 9.14 30.56 -8.55
C ASP E 27 10.52 29.89 -8.75
N GLN E 28 11.61 30.59 -8.51
CA GLN E 28 12.94 29.93 -8.61
C GLN E 28 13.15 29.03 -7.39
N THR E 29 14.05 28.07 -7.53
CA THR E 29 14.51 27.17 -6.43
C THR E 29 15.90 27.70 -6.07
N LEU E 30 16.09 28.08 -4.81
CA LEU E 30 17.35 28.73 -4.40
C LEU E 30 18.06 27.94 -3.30
N PHE E 31 19.38 28.01 -3.30
CA PHE E 31 20.19 27.46 -2.20
C PHE E 31 20.81 28.63 -1.43
N PHE E 32 20.72 28.59 -0.10
CA PHE E 32 21.33 29.65 0.76
C PHE E 32 22.37 28.99 1.67
N ASP E 33 23.60 29.51 1.58
CA ASP E 33 24.76 29.01 2.36
C ASP E 33 24.58 29.44 3.81
N CYS E 34 25.50 29.02 4.66
CA CYS E 34 25.45 29.36 6.11
C CYS E 34 26.09 30.72 6.33
N GLY E 35 26.09 31.20 7.57
CA GLY E 35 26.74 32.49 7.90
C GLY E 35 25.74 33.59 8.19
N THR E 36 26.26 34.79 8.41
CA THR E 36 25.44 35.97 8.80
C THR E 36 25.22 36.91 7.61
N THR E 37 25.64 36.52 6.40
CA THR E 37 25.41 37.38 5.20
C THR E 37 24.15 36.92 4.47
N THR E 38 24.04 35.60 4.22
CA THR E 38 22.90 35.03 3.45
C THR E 38 21.54 35.34 4.10
N PRO E 39 21.35 35.34 5.45
CA PRO E 39 20.05 35.68 6.01
C PRO E 39 19.59 37.08 5.56
N TRP E 40 20.55 37.99 5.31
CA TRP E 40 20.20 39.37 4.84
C TRP E 40 19.71 39.31 3.39
N ILE E 41 20.16 38.32 2.61
CA ILE E 41 19.66 38.18 1.21
C ILE E 41 18.18 37.79 1.30
N ILE E 42 17.87 36.80 2.13
CA ILE E 42 16.48 36.30 2.36
C ILE E 42 15.59 37.47 2.79
N GLU E 43 16.06 38.28 3.74
CA GLU E 43 15.32 39.45 4.27
C GLU E 43 14.99 40.43 3.13
N ALA E 44 15.95 40.65 2.22
CA ALA E 44 15.83 41.64 1.12
C ALA E 44 14.87 41.17 0.01
N ILE E 45 14.60 39.87 -0.11
CA ILE E 45 13.66 39.41 -1.18
C ILE E 45 12.26 39.96 -0.85
N ASP E 46 11.59 40.56 -1.83
CA ASP E 46 10.22 41.13 -1.63
C ASP E 46 9.32 40.03 -1.06
N ASN E 47 8.58 40.33 0.02
CA ASN E 47 7.72 39.31 0.70
C ASN E 47 6.60 38.78 -0.22
N GLU E 48 6.35 39.42 -1.37
CA GLU E 48 5.27 38.95 -2.29
C GLU E 48 5.82 37.96 -3.33
N ILE E 49 7.15 37.86 -3.45
CA ILE E 49 7.76 36.95 -4.47
C ILE E 49 7.74 35.52 -3.94
N PRO E 50 7.05 34.57 -4.62
CA PRO E 50 7.06 33.17 -4.18
C PRO E 50 8.36 32.50 -4.66
N PHE E 51 8.93 31.65 -3.80
CA PHE E 51 10.16 30.93 -4.19
C PHE E 51 10.31 29.70 -3.29
N THR E 52 11.17 28.78 -3.74
CA THR E 52 11.49 27.54 -3.01
C THR E 52 12.95 27.67 -2.56
N ALA E 53 13.26 27.26 -1.34
CA ALA E 53 14.67 27.42 -0.90
C ALA E 53 15.12 26.21 -0.10
N VAL E 54 16.41 25.90 -0.23
CA VAL E 54 17.06 24.80 0.53
C VAL E 54 18.26 25.41 1.24
N CYS E 55 18.47 25.00 2.49
CA CYS E 55 19.59 25.51 3.32
C CYS E 55 20.06 24.37 4.23
N TYR E 56 21.11 24.61 5.01
CA TYR E 56 21.65 23.55 5.88
C TYR E 56 22.10 24.16 7.21
N SER E 57 21.53 25.31 7.59
CA SER E 57 21.93 25.96 8.87
C SER E 57 20.70 26.56 9.56
N LEU E 58 20.73 26.62 10.88
CA LEU E 58 19.57 27.05 11.71
C LEU E 58 19.16 28.51 11.45
N ASN E 59 20.10 29.46 11.53
N ASN E 59 20.12 29.43 11.50
CA ASN E 59 19.74 30.89 11.34
CA ASN E 59 19.87 30.89 11.33
C ASN E 59 19.22 31.10 9.92
C ASN E 59 19.30 31.14 9.93
N THR E 60 19.84 30.46 8.92
CA THR E 60 19.35 30.60 7.52
C THR E 60 17.92 30.05 7.45
N PHE E 61 17.67 28.88 8.05
CA PHE E 61 16.30 28.31 8.03
C PHE E 61 15.31 29.25 8.72
N LEU E 62 15.66 29.74 9.92
CA LEU E 62 14.73 30.64 10.66
C LEU E 62 14.41 31.87 9.81
N ALA E 63 15.35 32.32 8.97
CA ALA E 63 15.10 33.47 8.08
C ALA E 63 14.07 33.08 7.00
N LEU E 64 14.22 31.89 6.41
CA LEU E 64 13.26 31.41 5.37
C LEU E 64 11.88 31.22 5.99
N LYS E 65 11.84 30.72 7.23
CA LYS E 65 10.55 30.45 7.94
C LYS E 65 9.72 31.73 8.06
N GLU E 66 10.37 32.90 8.10
CA GLU E 66 9.65 34.20 8.24
C GLU E 66 9.10 34.71 6.90
N LYS E 67 9.51 34.13 5.77
CA LYS E 67 9.01 34.58 4.44
C LYS E 67 7.66 33.90 4.17
N PRO E 68 6.54 34.65 4.10
CA PRO E 68 5.23 34.03 3.92
C PRO E 68 5.06 33.23 2.61
N HIS E 69 5.85 33.54 1.57
CA HIS E 69 5.67 32.82 0.28
C HIS E 69 6.91 31.98 -0.05
N CYS E 70 7.66 31.57 0.98
CA CYS E 70 8.82 30.69 0.75
C CYS E 70 8.47 29.24 1.08
N ARG E 71 8.71 28.34 0.13
CA ARG E 71 8.58 26.88 0.38
C ARG E 71 9.97 26.48 0.89
N ALA E 72 10.09 26.26 2.19
CA ALA E 72 11.40 26.05 2.84
C ALA E 72 11.74 24.57 3.03
N PHE E 73 12.98 24.23 2.67
CA PHE E 73 13.56 22.88 2.87
C PHE E 73 14.82 23.02 3.73
N LEU E 74 14.96 22.15 4.72
CA LEU E 74 16.18 22.17 5.56
C LEU E 74 16.92 20.85 5.38
N CYS E 75 18.12 20.92 4.82
CA CYS E 75 19.00 19.74 4.74
C CYS E 75 19.39 19.39 6.19
N GLY E 76 19.02 18.19 6.64
CA GLY E 76 19.32 17.75 8.02
C GLY E 76 20.68 17.10 8.17
N GLY E 77 20.86 16.42 9.29
CA GLY E 77 22.11 15.71 9.64
C GLY E 77 22.50 16.02 11.07
N GLU E 78 23.77 15.88 11.41
CA GLU E 78 24.20 16.15 12.82
C GLU E 78 24.42 17.65 13.01
N PHE E 79 23.81 18.21 14.06
CA PHE E 79 23.97 19.66 14.34
C PHE E 79 25.38 19.94 14.85
N HIS E 80 25.97 21.02 14.33
CA HIS E 80 27.33 21.50 14.68
C HIS E 80 27.19 22.95 15.14
N ALA E 81 27.53 23.24 16.41
CA ALA E 81 27.37 24.58 17.02
C ALA E 81 27.92 25.74 16.16
N SER E 82 29.18 25.65 15.68
CA SER E 82 29.77 26.77 14.89
C SER E 82 29.04 26.95 13.55
N ASN E 83 28.56 28.18 13.31
CA ASN E 83 27.72 28.54 12.13
C ASN E 83 26.40 27.77 12.20
N ALA E 84 26.15 27.10 13.33
CA ALA E 84 24.90 26.35 13.57
C ALA E 84 24.48 25.61 12.30
N ILE E 85 25.33 24.71 11.81
CA ILE E 85 25.00 23.96 10.56
C ILE E 85 24.57 22.53 10.89
N PHE E 86 24.03 21.87 9.87
CA PHE E 86 23.69 20.42 9.93
C PHE E 86 24.68 19.72 8.99
N LYS E 87 25.38 18.72 9.50
CA LYS E 87 26.36 17.93 8.71
C LYS E 87 25.62 16.73 8.14
N PRO E 88 25.27 16.73 6.84
CA PRO E 88 24.51 15.63 6.26
C PRO E 88 25.25 14.29 6.37
N ILE E 89 24.51 13.22 6.66
CA ILE E 89 25.06 11.84 6.71
C ILE E 89 24.61 11.10 5.45
N ASP E 90 23.60 11.63 4.75
CA ASP E 90 23.11 10.99 3.49
C ASP E 90 22.70 12.09 2.50
N PHE E 91 23.52 12.32 1.49
CA PHE E 91 23.23 13.35 0.47
C PHE E 91 21.99 12.97 -0.35
N GLN E 92 21.61 11.69 -0.34
CA GLN E 92 20.43 11.21 -1.11
C GLN E 92 19.11 11.64 -0.45
N GLN E 93 19.09 11.90 0.86
CA GLN E 93 17.79 12.23 1.52
C GLN E 93 17.23 13.58 1.04
N THR E 94 18.03 14.65 1.07
CA THR E 94 17.49 15.97 0.64
C THR E 94 18.29 16.58 -0.52
N LEU E 95 19.59 16.80 -0.34
CA LEU E 95 20.38 17.58 -1.34
C LEU E 95 20.39 16.98 -2.75
N ASN E 96 20.58 15.67 -2.91
CA ASN E 96 20.71 15.11 -4.29
C ASN E 96 19.39 15.22 -5.07
N ASN E 97 18.31 15.71 -4.46
CA ASN E 97 17.00 15.84 -5.14
C ASN E 97 16.89 17.23 -5.80
N PHE E 98 17.91 18.07 -5.64
CA PHE E 98 17.85 19.47 -6.12
C PHE E 98 18.98 19.88 -7.09
N CYS E 99 18.59 20.71 -8.07
CA CYS E 99 19.49 21.44 -8.99
C CYS E 99 19.02 22.89 -8.91
N PRO E 100 19.40 23.64 -7.85
CA PRO E 100 18.89 25.00 -7.67
C PRO E 100 19.15 25.95 -8.85
N ASP E 101 18.20 26.86 -9.09
CA ASP E 101 18.35 27.89 -10.14
C ASP E 101 19.55 28.76 -9.78
N ILE E 102 19.64 29.15 -8.50
CA ILE E 102 20.76 29.99 -8.01
C ILE E 102 21.21 29.48 -6.64
N ALA E 103 22.52 29.43 -6.45
CA ALA E 103 23.13 29.13 -5.14
C ALA E 103 23.82 30.43 -4.68
N PHE E 104 23.45 30.90 -3.49
CA PHE E 104 24.08 32.09 -2.85
C PHE E 104 25.08 31.56 -1.83
N TYR E 105 26.36 31.87 -2.05
CA TYR E 105 27.47 31.36 -1.21
C TYR E 105 28.00 32.44 -0.27
N SER E 106 28.58 31.93 0.82
CA SER E 106 29.30 32.76 1.82
C SER E 106 30.78 32.33 1.78
N ALA E 107 31.69 33.22 2.15
CA ALA E 107 33.12 32.86 2.23
C ALA E 107 33.79 33.79 3.23
N ALA E 108 34.84 33.31 3.89
CA ALA E 108 35.59 34.13 4.86
C ALA E 108 36.81 34.75 4.17
N GLY E 109 37.14 34.25 2.97
CA GLY E 109 38.29 34.75 2.20
C GLY E 109 38.06 34.65 0.70
N VAL E 110 38.53 35.65 -0.04
CA VAL E 110 38.42 35.75 -1.52
C VAL E 110 39.80 36.15 -2.02
N HIS E 111 40.51 35.20 -2.63
CA HIS E 111 41.92 35.41 -3.06
C HIS E 111 42.10 34.88 -4.49
N VAL E 112 42.82 35.62 -5.34
CA VAL E 112 43.05 35.22 -6.76
C VAL E 112 43.72 33.84 -6.85
N SER E 113 44.71 33.58 -5.99
N SER E 113 44.71 33.58 -5.99
CA SER E 113 45.50 32.32 -6.01
CA SER E 113 45.49 32.30 -6.03
C SER E 113 44.87 31.25 -5.10
C SER E 113 44.86 31.24 -5.10
N LYS E 114 44.57 31.60 -3.85
CA LYS E 114 44.02 30.64 -2.84
C LYS E 114 42.52 30.38 -3.05
N GLY E 115 41.82 31.19 -3.84
CA GLY E 115 40.38 31.02 -4.16
C GLY E 115 39.46 31.47 -3.04
N ALA E 116 38.24 30.91 -3.03
CA ALA E 116 37.25 31.21 -1.97
C ALA E 116 37.49 30.23 -0.82
N THR E 117 37.62 30.74 0.41
CA THR E 117 37.88 29.88 1.58
C THR E 117 36.90 30.22 2.71
N CYS E 118 36.72 29.25 3.62
CA CYS E 118 35.85 29.43 4.80
C CYS E 118 36.63 28.95 6.03
N PHE E 119 36.11 29.24 7.23
CA PHE E 119 36.79 28.85 8.49
C PHE E 119 36.65 27.36 8.78
N ASN E 120 35.44 26.80 8.60
CA ASN E 120 35.14 25.41 9.04
C ASN E 120 35.08 24.41 7.87
N LEU E 121 35.90 23.36 7.94
CA LEU E 121 35.93 22.31 6.87
C LEU E 121 34.62 21.51 6.87
N GLU E 122 33.86 21.53 7.98
CA GLU E 122 32.57 20.80 8.08
C GLU E 122 31.54 21.36 7.09
N GLU E 123 31.78 22.57 6.59
CA GLU E 123 30.85 23.24 5.65
C GLU E 123 31.14 22.84 4.19
N LEU E 124 32.33 22.31 3.90
CA LEU E 124 32.76 22.00 2.50
C LEU E 124 31.87 20.97 1.81
N PRO E 125 31.46 19.85 2.43
CA PRO E 125 30.63 18.87 1.72
C PRO E 125 29.37 19.48 1.09
N VAL E 126 28.70 20.39 1.81
CA VAL E 126 27.45 21.02 1.28
C VAL E 126 27.84 22.10 0.27
N LYS E 127 28.84 22.93 0.58
CA LYS E 127 29.26 23.98 -0.40
C LYS E 127 29.67 23.31 -1.71
N HIS E 128 30.46 22.23 -1.62
CA HIS E 128 30.92 21.52 -2.84
C HIS E 128 29.71 20.91 -3.58
N TRP E 129 28.73 20.40 -2.83
CA TRP E 129 27.52 19.86 -3.50
C TRP E 129 26.87 20.98 -4.33
N ALA E 130 26.69 22.16 -3.73
CA ALA E 130 26.02 23.29 -4.40
C ALA E 130 26.80 23.71 -5.64
N MSE E 131 28.12 23.76 -5.52
CA MSE E 131 28.97 24.20 -6.61
C MSE E 131 28.86 23.24 -7.80
O MSE E 131 29.07 23.68 -8.94
CB MSE E 131 30.40 24.36 -6.11
CG MSE E 131 30.54 25.52 -5.16
SE MSE E 131 32.25 25.51 -4.20
CE MSE E 131 33.49 25.79 -5.67
N SER E 132 28.48 21.98 -7.56
CA SER E 132 28.38 21.02 -8.66
C SER E 132 26.96 20.89 -9.21
N MSE E 133 25.93 21.25 -8.43
CA MSE E 133 24.56 20.98 -8.85
C MSE E 133 23.71 22.22 -9.13
O MSE E 133 22.69 22.10 -9.81
CB MSE E 133 23.87 20.11 -7.78
CG MSE E 133 24.36 18.69 -7.73
SE MSE E 133 23.88 17.70 -9.36
CE MSE E 133 25.49 16.74 -9.90
N ALA E 134 24.07 23.39 -8.58
CA ALA E 134 23.28 24.59 -8.84
C ALA E 134 23.57 25.07 -10.28
N GLN E 135 22.63 25.82 -10.86
CA GLN E 135 22.74 26.29 -12.27
C GLN E 135 23.48 27.63 -12.37
N LYS E 136 23.45 28.42 -11.29
CA LYS E 136 24.13 29.74 -11.25
C LYS E 136 24.76 29.89 -9.87
N HIS E 137 26.01 30.37 -9.82
CA HIS E 137 26.77 30.45 -8.54
C HIS E 137 27.06 31.91 -8.18
N VAL E 138 26.52 32.37 -7.06
CA VAL E 138 26.66 33.80 -6.66
C VAL E 138 27.35 33.87 -5.29
N LEU E 139 28.57 34.40 -5.25
CA LEU E 139 29.33 34.57 -3.99
C LEU E 139 29.03 35.97 -3.43
N VAL E 140 28.50 36.04 -2.21
CA VAL E 140 28.12 37.35 -1.60
C VAL E 140 29.06 37.60 -0.42
N VAL E 141 29.97 38.56 -0.59
CA VAL E 141 31.00 38.87 0.43
C VAL E 141 31.19 40.37 0.60
N ASP E 142 31.42 40.82 1.83
CA ASP E 142 31.72 42.25 2.07
C ASP E 142 33.19 42.49 1.68
N HIS E 143 33.61 43.75 1.51
CA HIS E 143 34.97 44.10 1.04
C HIS E 143 36.10 43.53 1.92
N SER E 144 35.84 43.27 3.21
CA SER E 144 36.91 42.79 4.13
C SER E 144 37.35 41.36 3.77
N LYS E 145 36.56 40.62 3.00
CA LYS E 145 36.91 39.19 2.70
C LYS E 145 38.05 39.13 1.66
N PHE E 146 38.15 40.15 0.80
CA PHE E 146 39.15 40.19 -0.30
C PHE E 146 40.58 40.19 0.25
N GLY E 147 41.39 39.25 -0.25
CA GLY E 147 42.81 39.12 0.15
C GLY E 147 43.02 38.17 1.32
N LYS E 148 41.96 37.78 2.03
CA LYS E 148 42.14 36.88 3.20
C LYS E 148 42.20 35.42 2.73
N VAL E 149 42.92 34.60 3.50
CA VAL E 149 43.13 33.16 3.18
C VAL E 149 42.78 32.34 4.42
N ARG E 150 41.61 31.69 4.41
CA ARG E 150 41.15 30.84 5.53
C ARG E 150 41.49 29.38 5.21
N PRO E 151 41.49 28.50 6.23
CA PRO E 151 41.97 27.12 6.05
C PRO E 151 41.12 26.12 5.25
N ALA E 152 39.82 26.35 5.08
CA ALA E 152 38.96 25.40 4.34
C ALA E 152 38.73 25.94 2.92
N ARG E 153 39.25 25.24 1.91
CA ARG E 153 39.17 25.74 0.51
C ARG E 153 37.87 25.29 -0.18
N MSE E 154 37.08 26.28 -0.61
CA MSE E 154 35.84 26.01 -1.32
C MSE E 154 36.18 25.74 -2.79
O MSE E 154 35.74 24.72 -3.34
CB MSE E 154 34.86 27.17 -1.14
CG MSE E 154 34.49 27.40 0.31
SE MSE E 154 33.53 29.09 0.53
CE MSE E 154 32.06 29.02 -0.74
N GLY E 155 36.93 26.64 -3.42
CA GLY E 155 37.33 26.45 -4.81
C GLY E 155 37.85 27.72 -5.45
N ASP E 156 38.34 27.62 -6.69
CA ASP E 156 38.86 28.79 -7.45
C ASP E 156 37.72 29.79 -7.66
N LEU E 157 38.04 31.09 -7.72
CA LEU E 157 36.98 32.12 -7.92
C LEU E 157 36.23 31.89 -9.24
N LYS E 158 36.87 31.22 -10.20
CA LYS E 158 36.25 31.00 -11.54
C LYS E 158 35.02 30.09 -11.41
N ARG E 159 34.85 29.42 -10.26
CA ARG E 159 33.69 28.51 -10.06
C ARG E 159 32.42 29.34 -9.85
N PHE E 160 32.57 30.64 -9.55
CA PHE E 160 31.43 31.53 -9.29
C PHE E 160 31.15 32.39 -10.53
N ASP E 161 29.88 32.48 -10.92
CA ASP E 161 29.44 33.28 -12.09
C ASP E 161 29.41 34.77 -11.71
N ILE E 162 29.07 35.05 -10.45
CA ILE E 162 28.92 36.45 -9.96
C ILE E 162 29.51 36.56 -8.55
N VAL E 163 30.22 37.67 -8.30
CA VAL E 163 30.75 38.00 -6.94
C VAL E 163 30.11 39.34 -6.58
N VAL E 164 29.30 39.35 -5.53
CA VAL E 164 28.56 40.57 -5.08
C VAL E 164 29.27 41.12 -3.85
N SER E 165 29.57 42.42 -3.83
CA SER E 165 30.26 43.04 -2.67
C SER E 165 29.62 44.41 -2.38
N ASP E 166 30.12 45.11 -1.36
CA ASP E 166 29.55 46.42 -0.95
C ASP E 166 30.26 47.59 -1.65
N CYS E 167 31.40 47.32 -2.30
CA CYS E 167 32.14 48.38 -3.04
C CYS E 167 33.12 47.72 -4.02
N CYS E 168 33.71 48.52 -4.93
CA CYS E 168 34.66 47.97 -5.94
C CYS E 168 35.90 47.44 -5.24
N PRO E 169 36.31 46.17 -5.50
CA PRO E 169 37.53 45.62 -4.90
C PRO E 169 38.79 46.19 -5.58
N GLU E 170 39.97 45.81 -5.07
CA GLU E 170 41.26 46.25 -5.64
C GLU E 170 41.34 45.83 -7.12
N ASP E 171 42.17 46.52 -7.89
CA ASP E 171 42.28 46.30 -9.36
C ASP E 171 42.67 44.86 -9.68
N GLU E 172 43.46 44.22 -8.82
CA GLU E 172 43.90 42.81 -9.05
C GLU E 172 42.65 41.93 -9.28
N TYR E 173 41.60 42.15 -8.48
CA TYR E 173 40.35 41.34 -8.59
C TYR E 173 39.53 41.76 -9.81
N VAL E 174 39.51 43.05 -10.13
CA VAL E 174 38.73 43.53 -11.31
C VAL E 174 39.30 42.88 -12.56
N LYS E 175 40.64 42.88 -12.69
CA LYS E 175 41.32 42.29 -13.87
C LYS E 175 41.12 40.77 -13.87
N TYR E 176 41.32 40.11 -12.73
CA TYR E 176 41.14 38.63 -12.67
C TYR E 176 39.70 38.29 -13.05
N ALA E 177 38.72 39.02 -12.50
CA ALA E 177 37.31 38.75 -12.84
C ALA E 177 37.11 38.86 -14.37
N GLN E 178 37.74 39.83 -15.01
CA GLN E 178 37.57 39.99 -16.49
C GLN E 178 38.16 38.78 -17.22
N THR E 179 39.37 38.34 -16.87
CA THR E 179 40.03 37.21 -17.56
C THR E 179 39.22 35.92 -17.37
N GLN E 180 38.51 35.76 -16.26
CA GLN E 180 37.70 34.55 -15.94
C GLN E 180 36.24 34.73 -16.35
N ARG E 181 35.86 35.91 -16.85
CA ARG E 181 34.45 36.20 -17.25
C ARG E 181 33.54 36.05 -16.03
N ILE E 182 34.03 36.46 -14.85
CA ILE E 182 33.26 36.52 -13.58
C ILE E 182 32.63 37.91 -13.51
N LYS E 183 31.32 38.00 -13.25
CA LYS E 183 30.66 39.33 -13.13
C LYS E 183 30.85 39.85 -11.71
N LEU E 184 31.31 41.11 -11.57
CA LEU E 184 31.43 41.75 -10.23
C LEU E 184 30.27 42.73 -10.09
N MSE E 185 29.52 42.58 -9.00
CA MSE E 185 28.40 43.45 -8.69
C MSE E 185 28.71 44.16 -7.39
O MSE E 185 29.03 43.51 -6.40
CB MSE E 185 27.11 42.65 -8.54
CG MSE E 185 26.55 42.09 -9.83
SE MSE E 185 24.86 41.14 -9.47
CE MSE E 185 23.42 42.47 -9.26
N TYR E 186 28.62 45.50 -7.39
CA TYR E 186 28.88 46.28 -6.19
C TYR E 186 28.25 47.66 -6.34
N ARG F 8 12.26 -28.49 -14.19
CA ARG F 8 12.23 -29.82 -13.53
C ARG F 8 13.17 -29.82 -12.31
N LEU F 9 14.46 -30.16 -12.50
CA LEU F 9 15.46 -30.18 -11.39
C LEU F 9 14.82 -30.80 -10.14
N VAL F 10 14.11 -31.91 -10.33
CA VAL F 10 13.40 -32.60 -9.20
CA VAL F 10 13.40 -32.60 -9.20
C VAL F 10 14.40 -33.08 -8.15
N GLU F 11 15.55 -33.63 -8.57
CA GLU F 11 16.54 -34.12 -7.57
C GLU F 11 17.07 -32.96 -6.72
N GLU F 12 17.34 -31.81 -7.35
CA GLU F 12 17.86 -30.61 -6.67
C GLU F 12 16.80 -30.06 -5.71
N LYS F 13 15.55 -29.99 -6.16
CA LYS F 13 14.43 -29.48 -5.31
C LYS F 13 14.26 -30.41 -4.11
N ARG F 14 14.34 -31.73 -4.35
CA ARG F 14 14.16 -32.68 -3.24
C ARG F 14 15.31 -32.53 -2.24
N ARG F 15 16.53 -32.32 -2.73
CA ARG F 15 17.69 -32.20 -1.82
C ARG F 15 17.60 -30.89 -1.01
N ALA F 16 17.21 -29.79 -1.65
CA ALA F 16 17.07 -28.51 -0.89
C ALA F 16 15.95 -28.66 0.15
N ALA F 17 14.81 -29.23 -0.26
CA ALA F 17 13.65 -29.41 0.65
C ALA F 17 14.00 -30.34 1.82
N LYS F 18 14.80 -31.38 1.55
CA LYS F 18 15.21 -32.34 2.62
C LYS F 18 15.98 -31.55 3.69
N LEU F 19 16.85 -30.64 3.26
CA LEU F 19 17.67 -29.82 4.19
C LEU F 19 16.74 -28.85 4.97
N ALA F 20 15.77 -28.23 4.29
CA ALA F 20 14.81 -27.33 4.96
C ALA F 20 14.01 -28.09 6.04
N ALA F 21 13.61 -29.33 5.74
CA ALA F 21 12.81 -30.17 6.67
C ALA F 21 13.54 -30.41 8.01
N THR F 22 14.88 -30.35 8.03
CA THR F 22 15.64 -30.57 9.28
C THR F 22 15.31 -29.48 10.31
N LEU F 23 14.70 -28.38 9.87
CA LEU F 23 14.37 -27.27 10.81
C LEU F 23 13.06 -27.56 11.57
N VAL F 24 12.28 -28.54 11.12
CA VAL F 24 10.94 -28.80 11.74
C VAL F 24 11.11 -29.51 13.09
N GLU F 25 10.38 -29.01 14.10
CA GLU F 25 10.36 -29.59 15.48
C GLU F 25 8.95 -30.08 15.77
N PRO F 26 8.76 -31.02 16.70
CA PRO F 26 7.42 -31.54 17.01
C PRO F 26 6.43 -30.46 17.49
N ASP F 27 5.16 -30.60 17.09
CA ASP F 27 4.02 -29.75 17.52
C ASP F 27 4.12 -28.32 16.97
N GLN F 28 5.00 -28.07 15.99
CA GLN F 28 5.07 -26.69 15.43
C GLN F 28 3.90 -26.45 14.48
N THR F 29 3.62 -25.16 14.23
CA THR F 29 2.62 -24.71 13.22
C THR F 29 3.45 -24.25 12.03
N LEU F 30 3.24 -24.84 10.86
CA LEU F 30 4.09 -24.53 9.68
C LEU F 30 3.26 -23.96 8.54
N PHE F 31 3.83 -23.00 7.82
CA PHE F 31 3.21 -22.51 6.57
C PHE F 31 4.00 -23.09 5.40
N PHE F 32 3.31 -23.62 4.39
CA PHE F 32 3.93 -24.15 3.16
C PHE F 32 3.42 -23.37 1.94
N ASP F 33 4.36 -22.77 1.21
CA ASP F 33 4.04 -21.98 0.00
C ASP F 33 3.62 -22.94 -1.11
N CYS F 34 3.19 -22.39 -2.25
CA CYS F 34 2.75 -23.19 -3.42
C CYS F 34 3.98 -23.65 -4.23
N GLY F 35 3.75 -24.43 -5.29
CA GLY F 35 4.84 -24.87 -6.17
C GLY F 35 5.20 -26.33 -6.01
N THR F 36 6.30 -26.75 -6.64
CA THR F 36 6.75 -28.16 -6.66
C THR F 36 7.99 -28.39 -5.77
N THR F 37 8.41 -27.38 -4.99
CA THR F 37 9.56 -27.57 -4.07
C THR F 37 9.04 -27.89 -2.66
N THR F 38 8.09 -27.10 -2.17
CA THR F 38 7.53 -27.28 -0.81
C THR F 38 6.97 -28.69 -0.58
N PRO F 39 6.33 -29.39 -1.55
CA PRO F 39 5.84 -30.75 -1.28
C PRO F 39 6.94 -31.72 -0.82
N TRP F 40 8.19 -31.45 -1.22
CA TRP F 40 9.35 -32.29 -0.82
C TRP F 40 9.73 -32.03 0.64
N ILE F 41 9.46 -30.82 1.14
CA ILE F 41 9.72 -30.52 2.58
C ILE F 41 8.74 -31.38 3.38
N ILE F 42 7.47 -31.37 2.98
CA ILE F 42 6.38 -32.15 3.64
C ILE F 42 6.75 -33.63 3.65
N GLU F 43 7.25 -34.13 2.52
CA GLU F 43 7.64 -35.57 2.40
C GLU F 43 8.80 -35.89 3.35
N ALA F 44 9.75 -34.96 3.52
CA ALA F 44 10.97 -35.17 4.32
C ALA F 44 10.70 -35.19 5.83
N ILE F 45 9.65 -34.52 6.30
CA ILE F 45 9.32 -34.50 7.76
C ILE F 45 9.07 -35.96 8.19
N ASP F 46 9.66 -36.39 9.32
CA ASP F 46 9.45 -37.78 9.80
C ASP F 46 7.95 -38.03 9.97
N ASN F 47 7.45 -39.20 9.54
CA ASN F 47 5.99 -39.53 9.59
C ASN F 47 5.47 -39.58 11.02
N GLU F 48 6.34 -39.84 12.02
CA GLU F 48 5.86 -39.93 13.42
C GLU F 48 5.78 -38.53 14.06
N ILE F 49 6.35 -37.50 13.42
CA ILE F 49 6.35 -36.13 14.02
C ILE F 49 4.99 -35.47 13.78
N PRO F 50 4.24 -35.12 14.86
CA PRO F 50 2.98 -34.40 14.71
C PRO F 50 3.23 -32.90 14.50
N PHE F 51 2.42 -32.28 13.64
CA PHE F 51 2.58 -30.83 13.39
C PHE F 51 1.28 -30.29 12.80
N THR F 52 1.11 -28.96 12.89
CA THR F 52 -0.05 -28.26 12.30
C THR F 52 0.46 -27.53 11.06
N ALA F 53 -0.27 -27.63 9.95
CA ALA F 53 0.21 -26.97 8.72
C ALA F 53 -0.89 -26.13 8.09
N VAL F 54 -0.51 -24.98 7.52
N VAL F 54 -0.45 -25.01 7.49
CA VAL F 54 -1.45 -24.11 6.76
CA VAL F 54 -1.31 -24.03 6.77
C VAL F 54 -0.85 -23.93 5.36
C VAL F 54 -0.80 -23.99 5.32
N CYS F 55 -1.71 -23.95 4.34
CA CYS F 55 -1.28 -23.85 2.93
C CYS F 55 -2.38 -23.14 2.15
N TYR F 56 -2.15 -22.85 0.88
CA TYR F 56 -3.17 -22.13 0.06
C TYR F 56 -3.18 -22.69 -1.36
N SER F 57 -2.73 -23.92 -1.53
CA SER F 57 -2.69 -24.54 -2.88
C SER F 57 -3.15 -26.00 -2.82
N LEU F 58 -3.80 -26.45 -3.90
CA LEU F 58 -4.39 -27.82 -3.97
C LEU F 58 -3.30 -28.89 -3.83
N ASN F 59 -2.22 -28.81 -4.61
CA ASN F 59 -1.20 -29.90 -4.54
C ASN F 59 -0.56 -29.92 -3.14
N THR F 60 -0.33 -28.75 -2.53
CA THR F 60 0.28 -28.67 -1.18
C THR F 60 -0.68 -29.31 -0.17
N PHE F 61 -1.96 -28.98 -0.30
CA PHE F 61 -2.96 -29.54 0.63
C PHE F 61 -3.01 -31.07 0.49
N LEU F 62 -3.05 -31.58 -0.75
CA LEU F 62 -3.14 -33.05 -0.99
C LEU F 62 -1.91 -33.74 -0.38
N ALA F 63 -0.75 -33.08 -0.39
CA ALA F 63 0.49 -33.65 0.20
C ALA F 63 0.34 -33.68 1.73
N LEU F 64 -0.17 -32.59 2.32
CA LEU F 64 -0.40 -32.54 3.79
C LEU F 64 -1.43 -33.60 4.19
N LYS F 65 -2.48 -33.79 3.39
CA LYS F 65 -3.56 -34.78 3.72
C LYS F 65 -2.98 -36.20 3.81
N GLU F 66 -1.91 -36.45 3.05
N GLU F 66 -1.91 -36.48 3.05
CA GLU F 66 -1.22 -37.77 2.96
CA GLU F 66 -1.29 -37.84 3.04
C GLU F 66 -0.33 -37.99 4.21
C GLU F 66 -0.33 -38.00 4.21
N LYS F 67 -0.09 -36.94 4.99
CA LYS F 67 0.76 -37.03 6.21
C LYS F 67 -0.16 -37.39 7.37
N PRO F 68 -0.11 -38.64 7.88
CA PRO F 68 -1.07 -39.10 8.90
C PRO F 68 -1.12 -38.33 10.23
N HIS F 69 -0.02 -37.65 10.61
CA HIS F 69 0.00 -36.94 11.92
C HIS F 69 0.01 -35.42 11.69
N CYS F 70 -0.46 -35.00 10.50
CA CYS F 70 -0.55 -33.56 10.18
C CYS F 70 -1.98 -33.08 10.34
N ARG F 71 -2.16 -32.03 11.16
CA ARG F 71 -3.47 -31.33 11.27
C ARG F 71 -3.42 -30.28 10.16
N ALA F 72 -4.08 -30.54 9.03
CA ALA F 72 -3.97 -29.69 7.82
C ALA F 72 -5.09 -28.65 7.73
N PHE F 73 -4.71 -27.39 7.49
CA PHE F 73 -5.61 -26.23 7.30
C PHE F 73 -5.40 -25.67 5.88
N LEU F 74 -6.51 -25.36 5.22
CA LEU F 74 -6.40 -24.78 3.87
C LEU F 74 -6.93 -23.35 3.91
N CYS F 75 -6.11 -22.41 3.44
CA CYS F 75 -6.55 -21.02 3.29
C CYS F 75 -7.46 -20.98 2.06
N GLY F 76 -8.75 -20.68 2.25
CA GLY F 76 -9.72 -20.71 1.13
C GLY F 76 -9.80 -19.41 0.36
N GLY F 77 -10.63 -19.39 -0.68
CA GLY F 77 -10.80 -18.20 -1.51
C GLY F 77 -11.04 -18.55 -2.96
N GLU F 78 -10.67 -17.63 -3.85
CA GLU F 78 -10.90 -17.82 -5.30
C GLU F 78 -9.79 -18.73 -5.85
N PHE F 79 -10.19 -19.72 -6.65
CA PHE F 79 -9.19 -20.65 -7.21
C PHE F 79 -8.58 -20.06 -8.49
N HIS F 80 -7.25 -20.12 -8.58
CA HIS F 80 -6.49 -19.69 -9.77
C HIS F 80 -5.74 -20.92 -10.27
N ALA F 81 -5.92 -21.29 -11.54
CA ALA F 81 -5.33 -22.52 -12.09
C ALA F 81 -3.80 -22.55 -11.95
N SER F 82 -3.12 -21.42 -12.17
CA SER F 82 -1.63 -21.42 -12.08
C SER F 82 -1.18 -21.72 -10.64
N ASN F 83 -0.47 -22.84 -10.46
CA ASN F 83 0.02 -23.33 -9.13
C ASN F 83 -1.17 -23.79 -8.27
N ALA F 84 -2.38 -23.85 -8.85
CA ALA F 84 -3.60 -24.32 -8.16
C ALA F 84 -3.72 -23.64 -6.79
N ILE F 85 -3.75 -22.30 -6.78
CA ILE F 85 -3.78 -21.57 -5.48
C ILE F 85 -5.18 -21.03 -5.20
N PHE F 86 -5.39 -20.65 -3.93
CA PHE F 86 -6.64 -19.99 -3.49
C PHE F 86 -6.24 -18.59 -3.02
N LYS F 87 -6.94 -17.57 -3.50
CA LYS F 87 -6.64 -16.16 -3.13
C LYS F 87 -7.82 -15.65 -2.32
N PRO F 88 -7.63 -15.34 -1.03
CA PRO F 88 -8.71 -14.83 -0.19
C PRO F 88 -9.35 -13.58 -0.78
N ILE F 89 -10.66 -13.47 -0.60
CA ILE F 89 -11.47 -12.32 -1.09
C ILE F 89 -10.95 -11.03 -0.44
N ASP F 90 -10.66 -11.10 0.86
CA ASP F 90 -10.18 -9.92 1.64
C ASP F 90 -8.89 -10.29 2.36
N PHE F 91 -7.77 -9.71 1.93
CA PHE F 91 -6.44 -9.97 2.53
C PHE F 91 -6.47 -9.80 4.06
N GLN F 92 -7.25 -8.82 4.54
CA GLN F 92 -7.33 -8.50 6.00
C GLN F 92 -7.90 -9.69 6.80
N GLN F 93 -8.73 -10.54 6.18
CA GLN F 93 -9.36 -11.68 6.90
C GLN F 93 -8.63 -12.99 6.58
N THR F 94 -7.36 -12.90 6.18
CA THR F 94 -6.59 -14.13 5.83
C THR F 94 -6.14 -14.87 7.09
N LEU F 95 -6.54 -16.13 7.24
CA LEU F 95 -6.12 -17.05 8.33
C LEU F 95 -5.95 -16.32 9.66
N ASN F 96 -7.02 -15.71 10.16
CA ASN F 96 -6.96 -14.97 11.45
C ASN F 96 -6.51 -15.90 12.58
N ASN F 97 -5.69 -15.37 13.50
CA ASN F 97 -5.23 -16.06 14.74
C ASN F 97 -4.19 -17.15 14.44
N PHE F 98 -3.68 -17.26 13.20
CA PHE F 98 -2.58 -18.22 12.90
C PHE F 98 -1.23 -17.49 12.92
N CYS F 99 -0.30 -17.98 13.74
N CYS F 99 -0.30 -17.99 13.74
CA CYS F 99 1.06 -17.41 13.85
CA CYS F 99 1.07 -17.43 13.89
C CYS F 99 2.08 -18.53 13.70
C CYS F 99 2.08 -18.54 13.70
N PRO F 100 2.34 -19.00 12.45
CA PRO F 100 3.26 -20.12 12.23
C PRO F 100 4.67 -19.94 12.80
N ASP F 101 5.20 -21.01 13.38
CA ASP F 101 6.58 -21.06 13.92
C ASP F 101 7.56 -20.89 12.75
N ILE F 102 7.26 -21.54 11.63
CA ILE F 102 8.13 -21.45 10.41
C ILE F 102 7.27 -21.32 9.16
N ALA F 103 7.69 -20.43 8.26
CA ALA F 103 7.06 -20.31 6.94
C ALA F 103 8.10 -20.75 5.91
N PHE F 104 7.75 -21.75 5.09
CA PHE F 104 8.63 -22.21 3.99
C PHE F 104 8.13 -21.55 2.71
N TYR F 105 8.96 -20.70 2.09
CA TYR F 105 8.56 -19.96 0.87
C TYR F 105 9.19 -20.55 -0.40
N SER F 106 8.53 -20.28 -1.51
CA SER F 106 8.96 -20.64 -2.88
C SER F 106 9.18 -19.33 -3.64
N ALA F 107 10.03 -19.35 -4.64
CA ALA F 107 10.26 -18.15 -5.49
C ALA F 107 10.79 -18.61 -6.84
N ALA F 108 10.41 -17.90 -7.89
CA ALA F 108 10.88 -18.18 -9.27
C ALA F 108 12.19 -17.41 -9.51
N GLY F 109 12.44 -16.37 -8.70
CA GLY F 109 13.66 -15.56 -8.87
C GLY F 109 14.21 -15.08 -7.54
N VAL F 110 15.54 -15.06 -7.43
CA VAL F 110 16.26 -14.59 -6.21
C VAL F 110 17.35 -13.64 -6.70
N HIS F 111 17.21 -12.35 -6.42
CA HIS F 111 18.12 -11.30 -6.95
C HIS F 111 18.53 -10.38 -5.79
N VAL F 112 19.80 -9.99 -5.73
CA VAL F 112 20.29 -9.14 -4.60
C VAL F 112 19.54 -7.79 -4.59
N SER F 113 19.38 -7.15 -5.75
CA SER F 113 18.69 -5.83 -5.83
C SER F 113 17.17 -5.95 -5.91
N LYS F 114 16.66 -6.78 -6.83
CA LYS F 114 15.19 -6.87 -7.06
C LYS F 114 14.50 -7.69 -5.95
N GLY F 115 15.23 -8.59 -5.29
CA GLY F 115 14.67 -9.41 -4.20
C GLY F 115 14.12 -10.75 -4.67
N ALA F 116 13.16 -11.30 -3.92
CA ALA F 116 12.48 -12.57 -4.28
C ALA F 116 11.24 -12.26 -5.12
N THR F 117 11.10 -12.95 -6.25
CA THR F 117 9.95 -12.73 -7.17
C THR F 117 9.29 -14.07 -7.54
N CYS F 118 8.05 -13.99 -8.02
CA CYS F 118 7.30 -15.17 -8.50
C CYS F 118 6.59 -14.78 -9.81
N PHE F 119 5.96 -15.72 -10.50
CA PHE F 119 5.33 -15.40 -11.80
C PHE F 119 3.97 -14.71 -11.65
N ASN F 120 3.25 -15.01 -10.57
CA ASN F 120 1.82 -14.56 -10.51
C ASN F 120 1.53 -13.61 -9.35
N LEU F 121 0.90 -12.48 -9.66
CA LEU F 121 0.48 -11.49 -8.62
C LEU F 121 -0.54 -12.12 -7.67
N GLU F 122 -1.31 -13.11 -8.12
CA GLU F 122 -2.40 -13.71 -7.30
C GLU F 122 -1.83 -14.47 -6.09
N GLU F 123 -0.53 -14.81 -6.10
CA GLU F 123 0.12 -15.56 -5.00
C GLU F 123 0.66 -14.60 -3.93
N LEU F 124 0.78 -13.31 -4.28
CA LEU F 124 1.39 -12.32 -3.35
C LEU F 124 0.57 -12.16 -2.06
N PRO F 125 -0.78 -12.13 -2.07
CA PRO F 125 -1.52 -11.94 -0.82
C PRO F 125 -1.18 -12.95 0.29
N VAL F 126 -1.17 -14.27 -0.01
CA VAL F 126 -0.88 -15.25 1.08
C VAL F 126 0.62 -15.22 1.40
N LYS F 127 1.48 -15.06 0.40
CA LYS F 127 2.94 -14.96 0.67
C LYS F 127 3.16 -13.76 1.61
N HIS F 128 2.51 -12.63 1.33
CA HIS F 128 2.66 -11.42 2.19
C HIS F 128 2.06 -11.68 3.58
N TRP F 129 0.97 -12.44 3.63
CA TRP F 129 0.35 -12.78 4.95
C TRP F 129 1.38 -13.54 5.80
N ALA F 130 2.01 -14.55 5.22
CA ALA F 130 3.02 -15.37 5.94
C ALA F 130 4.21 -14.51 6.37
N MSE F 131 4.65 -13.62 5.48
CA MSE F 131 5.81 -12.77 5.79
C MSE F 131 5.50 -11.85 6.98
O MSE F 131 6.42 -11.47 7.70
CB MSE F 131 6.25 -12.03 4.53
CG MSE F 131 6.85 -12.94 3.47
SE MSE F 131 7.15 -11.99 1.77
CE MSE F 131 8.19 -10.45 2.31
N SER F 132 4.22 -11.55 7.20
CA SER F 132 3.86 -10.67 8.31
C SER F 132 3.51 -11.43 9.59
N MSE F 133 3.11 -12.71 9.47
CA MSE F 133 2.61 -13.44 10.63
C MSE F 133 3.56 -14.54 11.13
O MSE F 133 3.54 -14.85 12.32
CB MSE F 133 1.25 -14.07 10.30
CG MSE F 133 0.15 -13.05 10.02
SE MSE F 133 -0.27 -11.99 11.60
CE MSE F 133 0.14 -13.05 13.20
N ALA F 134 4.35 -15.14 10.22
CA ALA F 134 5.24 -16.22 10.63
C ALA F 134 6.40 -15.70 11.50
N GLN F 135 6.92 -16.55 12.39
CA GLN F 135 8.01 -16.17 13.33
C GLN F 135 9.39 -16.41 12.71
N LYS F 136 9.50 -17.34 11.76
CA LYS F 136 10.81 -17.61 11.07
C LYS F 136 10.51 -17.79 9.58
N HIS F 137 11.32 -17.14 8.73
CA HIS F 137 11.07 -17.12 7.27
C HIS F 137 12.18 -17.87 6.54
N VAL F 138 11.80 -18.96 5.86
CA VAL F 138 12.78 -19.85 5.18
C VAL F 138 12.46 -19.94 3.69
N LEU F 139 13.34 -19.40 2.85
CA LEU F 139 13.15 -19.46 1.38
C LEU F 139 13.86 -20.71 0.86
N VAL F 140 13.12 -21.58 0.17
CA VAL F 140 13.69 -22.87 -0.33
C VAL F 140 13.68 -22.82 -1.85
N VAL F 141 14.87 -22.69 -2.44
CA VAL F 141 15.02 -22.48 -3.90
C VAL F 141 16.21 -23.27 -4.47
N ASP F 142 15.98 -23.93 -5.62
CA ASP F 142 17.08 -24.65 -6.31
C ASP F 142 18.01 -23.59 -6.92
N HIS F 143 19.23 -23.98 -7.28
CA HIS F 143 20.26 -23.06 -7.80
C HIS F 143 19.82 -22.27 -9.05
N SER F 144 18.82 -22.75 -9.80
CA SER F 144 18.42 -22.07 -11.06
C SER F 144 17.67 -20.76 -10.78
N LYS F 145 17.13 -20.58 -9.56
CA LYS F 145 16.34 -19.34 -9.24
C LYS F 145 17.25 -18.12 -9.07
N PHE F 146 18.52 -18.33 -8.72
CA PHE F 146 19.47 -17.22 -8.46
C PHE F 146 19.75 -16.41 -9.73
N GLY F 147 19.61 -15.09 -9.62
CA GLY F 147 19.86 -14.16 -10.74
C GLY F 147 18.62 -13.88 -11.57
N LYS F 148 17.56 -14.66 -11.38
CA LYS F 148 16.33 -14.44 -12.19
C LYS F 148 15.44 -13.39 -11.53
N VAL F 149 14.70 -12.66 -12.36
CA VAL F 149 13.74 -11.61 -11.93
C VAL F 149 12.41 -11.89 -12.63
N ARG F 150 11.38 -12.23 -11.85
CA ARG F 150 10.03 -12.51 -12.41
C ARG F 150 9.12 -11.32 -12.13
N PRO F 151 7.93 -11.25 -12.79
CA PRO F 151 7.06 -10.07 -12.70
C PRO F 151 6.34 -9.76 -11.38
N ALA F 152 6.20 -10.72 -10.46
CA ALA F 152 5.47 -10.47 -9.20
C ALA F 152 6.48 -10.43 -8.05
N ARG F 153 6.59 -9.31 -7.34
CA ARG F 153 7.66 -9.18 -6.31
C ARG F 153 7.13 -9.49 -4.92
N MSE F 154 7.84 -10.40 -4.24
CA MSE F 154 7.47 -10.85 -2.91
C MSE F 154 8.09 -9.93 -1.85
O MSE F 154 7.42 -9.58 -0.88
CB MSE F 154 7.93 -12.30 -2.71
CG MSE F 154 7.29 -13.27 -3.69
SE MSE F 154 8.19 -15.01 -3.65
CE MSE F 154 8.22 -15.44 -1.74
N GLY F 155 9.37 -9.57 -2.03
CA GLY F 155 10.04 -8.69 -1.09
C GLY F 155 11.56 -8.80 -1.17
N ASP F 156 12.26 -8.00 -0.36
CA ASP F 156 13.75 -7.99 -0.34
C ASP F 156 14.24 -9.31 0.25
N LEU F 157 15.44 -9.75 -0.14
CA LEU F 157 15.99 -11.01 0.42
C LEU F 157 16.16 -10.91 1.94
N LYS F 158 16.36 -9.72 2.49
CA LYS F 158 16.57 -9.60 3.96
C LYS F 158 15.25 -9.91 4.71
N ARG F 159 14.15 -10.10 3.98
CA ARG F 159 12.87 -10.51 4.63
C ARG F 159 12.99 -11.97 5.09
N PHE F 160 13.97 -12.72 4.55
CA PHE F 160 14.15 -14.15 4.87
C PHE F 160 15.30 -14.33 5.88
N ASP F 161 15.05 -15.17 6.89
CA ASP F 161 16.04 -15.50 7.95
C ASP F 161 17.02 -16.52 7.40
N ILE F 162 16.52 -17.39 6.53
CA ILE F 162 17.33 -18.51 5.96
C ILE F 162 16.95 -18.71 4.49
N VAL F 163 17.96 -18.93 3.65
CA VAL F 163 17.80 -19.29 2.22
C VAL F 163 18.40 -20.69 2.08
N VAL F 164 17.58 -21.66 1.68
CA VAL F 164 18.03 -23.08 1.55
C VAL F 164 18.12 -23.42 0.06
N SER F 165 19.23 -24.06 -0.35
CA SER F 165 19.39 -24.44 -1.78
C SER F 165 20.10 -25.79 -1.87
N ASP F 166 20.24 -26.32 -3.10
CA ASP F 166 20.86 -27.64 -3.34
C ASP F 166 22.39 -27.54 -3.41
N CYS F 167 22.93 -26.33 -3.57
CA CYS F 167 24.41 -26.14 -3.65
C CYS F 167 24.74 -24.68 -3.33
N CYS F 168 26.02 -24.38 -3.08
CA CYS F 168 26.42 -23.00 -2.76
C CYS F 168 26.13 -22.08 -3.94
N PRO F 169 25.39 -20.96 -3.74
CA PRO F 169 25.11 -20.02 -4.82
C PRO F 169 26.38 -19.21 -5.19
N GLU F 170 26.29 -18.36 -6.22
CA GLU F 170 27.45 -17.54 -6.65
C GLU F 170 27.90 -16.63 -5.51
N ASP F 171 29.17 -16.21 -5.55
CA ASP F 171 29.79 -15.39 -4.46
C ASP F 171 28.96 -14.13 -4.19
N GLU F 172 28.33 -13.55 -5.22
CA GLU F 172 27.49 -12.35 -5.05
C GLU F 172 26.48 -12.57 -3.91
N TYR F 173 25.84 -13.75 -3.88
CA TYR F 173 24.80 -14.10 -2.88
C TYR F 173 25.45 -14.49 -1.53
N VAL F 174 26.59 -15.18 -1.57
CA VAL F 174 27.30 -15.53 -0.31
C VAL F 174 27.67 -14.21 0.40
N LYS F 175 28.20 -13.24 -0.36
CA LYS F 175 28.60 -11.91 0.17
C LYS F 175 27.39 -11.17 0.73
N TYR F 176 26.29 -11.09 -0.04
CA TYR F 176 25.09 -10.34 0.42
C TYR F 176 24.56 -11.00 1.70
N ALA F 177 24.50 -12.32 1.72
CA ALA F 177 23.98 -13.04 2.91
C ALA F 177 24.87 -12.76 4.12
N GLN F 178 26.18 -12.72 3.89
CA GLN F 178 27.14 -12.49 5.02
CA GLN F 178 27.17 -12.47 4.99
C GLN F 178 26.94 -11.08 5.58
N THR F 179 26.82 -10.08 4.71
N THR F 179 26.85 -10.06 4.72
CA THR F 179 26.70 -8.67 5.16
CA THR F 179 26.71 -8.64 5.21
C THR F 179 25.33 -8.43 5.82
C THR F 179 25.32 -8.42 5.84
N GLN F 180 24.28 -9.08 5.34
CA GLN F 180 22.90 -8.88 5.88
C GLN F 180 22.56 -9.89 6.99
N ARG F 181 23.50 -10.80 7.32
CA ARG F 181 23.28 -11.86 8.35
C ARG F 181 22.11 -12.76 7.94
N ILE F 182 22.05 -13.12 6.66
CA ILE F 182 21.05 -14.09 6.16
C ILE F 182 21.75 -15.47 6.18
N LYS F 183 21.17 -16.45 6.87
CA LYS F 183 21.83 -17.78 6.91
C LYS F 183 21.61 -18.49 5.57
N LEU F 184 22.69 -19.06 5.01
CA LEU F 184 22.59 -19.86 3.77
C LEU F 184 22.79 -21.32 4.16
N MSE F 185 21.87 -22.19 3.73
CA MSE F 185 21.96 -23.61 4.00
C MSE F 185 22.03 -24.34 2.67
O MSE F 185 21.18 -24.13 1.81
CB MSE F 185 20.76 -24.10 4.80
CG MSE F 185 20.70 -23.59 6.22
SE MSE F 185 19.16 -24.32 7.19
CE MSE F 185 19.59 -26.20 7.63
N TYR F 186 23.03 -25.20 2.49
CA TYR F 186 23.18 -25.93 1.25
C TYR F 186 24.06 -27.16 1.46
C1 EDO G . 27.63 23.74 -16.42
O1 EDO G . 26.70 23.61 -17.46
C2 EDO G . 28.45 22.52 -16.19
O2 EDO G . 28.02 21.74 -15.09
S SO4 H . 7.09 15.49 -20.79
O1 SO4 H . 7.67 16.49 -21.64
O2 SO4 H . 7.75 15.54 -19.51
O3 SO4 H . 7.27 14.19 -21.37
O4 SO4 H . 5.70 15.77 -20.60
S SO4 I . 22.49 9.43 -8.78
O1 SO4 I . 23.48 10.43 -9.10
O2 SO4 I . 23.09 8.45 -7.92
O3 SO4 I . 21.39 10.06 -8.11
O4 SO4 I . 22.03 8.80 -9.99
S SO4 J . 13.14 27.60 -19.75
O1 SO4 J . 13.02 29.03 -19.63
O2 SO4 J . 14.51 27.24 -19.92
O3 SO4 J . 12.61 26.97 -18.57
O4 SO4 J . 12.38 27.16 -20.90
CL CL K . -25.87 -36.74 4.95
C1 EDO L . -43.48 -18.48 -6.46
O1 EDO L . -43.53 -19.19 -5.25
C2 EDO L . -42.98 -19.29 -7.60
O2 EDO L . -41.82 -18.76 -8.21
S SO4 M . -25.76 -37.36 -0.79
O1 SO4 M . -24.34 -37.54 -0.84
O2 SO4 M . -26.16 -36.36 -1.75
O3 SO4 M . -26.13 -36.89 0.53
O4 SO4 M . -26.43 -38.59 -1.06
S SO4 N . -29.57 -43.02 11.67
O1 SO4 N . -28.60 -42.14 11.10
O2 SO4 N . -29.06 -44.38 11.60
O3 SO4 N . -29.79 -42.67 13.05
O4 SO4 N . -30.80 -42.92 10.95
S SO4 O . -36.23 -24.30 11.06
O1 SO4 O . -34.96 -23.64 10.93
O2 SO4 O . -36.70 -24.70 9.77
O3 SO4 O . -36.09 -25.45 11.91
O4 SO4 O . -37.18 -23.39 11.65
S SO4 P . -11.48 -36.66 10.58
O1 SO4 P . -11.06 -36.23 11.88
O2 SO4 P . -10.63 -36.07 9.58
O3 SO4 P . -11.38 -38.10 10.50
O4 SO4 P . -12.84 -36.25 10.36
S SO4 Q . -41.42 -18.76 10.10
O1 SO4 Q . -40.39 -17.95 9.50
O2 SO4 Q . -40.83 -19.87 10.77
O3 SO4 Q . -42.30 -19.24 9.07
O4 SO4 Q . -42.17 -17.96 11.04
CL CL R . 17.87 15.65 5.32
C1 EDO S . 17.43 9.64 33.49
O1 EDO S . 17.62 11.05 33.52
C2 EDO S . 16.83 9.18 32.21
O2 EDO S . 16.87 7.77 32.07
S SO4 T . -1.17 -1.39 10.91
O1 SO4 T . -1.14 -0.15 10.19
O2 SO4 T . -0.55 -2.42 10.12
O3 SO4 T . -2.53 -1.75 11.18
O4 SO4 T . -0.44 -1.25 12.15
S SO4 U . 1.00 15.74 21.71
O1 SO4 U . 1.58 17.04 21.56
O2 SO4 U . 1.91 14.87 22.38
O3 SO4 U . -0.22 15.83 22.46
O4 SO4 U . 0.71 15.20 20.41
S SO4 V . -16.27 2.96 18.09
O1 SO4 V . -15.79 4.08 18.85
O2 SO4 V . -15.89 3.10 16.72
O3 SO4 V . -15.71 1.75 18.63
O4 SO4 V . -17.70 2.89 18.19
CL CL W . -7.62 -11.54 -8.34
CL CL W . -9.07 -9.78 -8.16
S SO4 X . -25.29 2.69 -7.09
O1 SO4 X . -25.15 3.74 -6.11
O2 SO4 X . -24.61 3.07 -8.30
O3 SO4 X . -24.72 1.48 -6.58
O4 SO4 X . -26.68 2.47 -7.38
S SO4 Y . -21.57 -8.62 9.53
O1 SO4 Y . -20.73 -8.84 10.68
O2 SO4 Y . -20.87 -9.03 8.34
O3 SO4 Y . -21.90 -7.22 9.45
O4 SO4 Y . -22.78 -9.38 9.66
S SO4 Z . -36.69 -13.07 1.95
O1 SO4 Z . -36.87 -11.87 1.18
O2 SO4 Z . -35.37 -13.60 1.73
O3 SO4 Z . -36.85 -12.76 3.35
O4 SO4 Z . -37.67 -14.04 1.56
S SO4 AA . -33.91 -7.05 -9.93
O1 SO4 AA . -33.15 -5.84 -9.84
O2 SO4 AA . -33.22 -7.99 -10.77
O3 SO4 AA . -34.08 -7.61 -8.61
O4 SO4 AA . -35.20 -6.76 -10.49
CL CL BA . 38.29 22.81 -14.99
S SO4 CA . 29.69 35.18 6.59
O1 SO4 CA . 30.52 36.32 6.88
O2 SO4 CA . 30.53 34.08 6.22
O3 SO4 CA . 28.94 34.82 7.77
O4 SO4 CA . 28.80 35.49 5.52
S SO4 DA . 38.81 24.09 -7.92
O1 SO4 DA . 40.10 24.72 -7.81
O2 SO4 DA . 38.79 23.27 -9.09
O3 SO4 DA . 38.56 23.30 -6.75
O4 SO4 DA . 37.80 25.11 -8.04
C1 EDO EA . 20.55 -4.34 -11.03
O1 EDO EA . 19.39 -4.05 -10.28
C2 EDO EA . 20.27 -5.02 -12.33
O2 EDO EA . 20.85 -6.30 -12.44
S SO4 FA . 8.79 -23.78 -7.32
O1 SO4 FA . 9.19 -24.09 -5.98
O2 SO4 FA . 9.89 -23.96 -8.22
O3 SO4 FA . 8.34 -22.41 -7.38
O4 SO4 FA . 7.70 -24.64 -7.72
S SO4 GA . 10.30 -5.12 0.92
O1 SO4 GA . 10.58 -6.42 1.45
O2 SO4 GA . 11.46 -4.61 0.24
O3 SO4 GA . 9.95 -4.22 1.99
O4 SO4 GA . 9.20 -5.20 -0.01
S SO4 HA . 17.07 -40.74 1.13
O1 SO4 HA . 17.93 -40.47 2.26
O2 SO4 HA . 17.57 -40.05 -0.02
O3 SO4 HA . 17.06 -42.15 0.87
O4 SO4 HA . 15.74 -40.29 1.43
#